data_7OSZ
#
_entry.id   7OSZ
#
_cell.length_a   69.671
_cell.length_b   86.696
_cell.length_c   83.117
_cell.angle_alpha   90.000
_cell.angle_beta   110.140
_cell.angle_gamma   90.000
#
_symmetry.space_group_name_H-M   'P 1 21 1'
#
loop_
_entity.id
_entity.type
_entity.pdbx_description
1 polymer 'Bifunctional glutamate/proline--tRNA ligase'
2 non-polymer PROLINE
3 non-polymer 3-[(2-methylphenyl)methylamino]pyrazine-2-carboxamide
4 non-polymer 'ZINC ION'
5 non-polymer 'STRONTIUM ION'
6 water water
#
_entity_poly.entity_id   1
_entity_poly.type   'polypeptide(L)'
_entity_poly.pdbx_seq_one_letter_code
;GAGEGQGPKKQTRLGLEAKKEENLADWYSQVITKSEMIEYHDISGCYILRPWAYAIWEAIKDFFDAEIKKLGVENCYFPM
FVSQSALEKEKTHVADFAPEVAWVTRSGKTELAEPIAIRPTSETVMYPAYAKWVQSHRDLPIKLNQWCNVVRWEFKHPQP
FLRTREFLWQEGHSAFATMEEAAEEVLQILDLYAQVYEELLAIPVVKGRKTEKEKFAGGDYTTTIEAFISASGRAIQGGT
SHHLGQNFSKMFEIVFEDPKIPGEKQFAYQNSWGLTTRTIGVMTMVHGDNMGLVLPPRVACVQVVIIPCGITNALSEEDK
EALIAKCNDYRRRLLSVNIRVRADLRDNYSPGWKFNHWELKGVPIRLEVGPRDMKSCQFVAVRRDTGEKLTVAENEAETK
LQAILEDIQVTLFTRASEDLKTHMVVANTMEDFQKILDSGKIVQIPFCGEIDCEDWIKKTTARDQDLEPGAPSMGAKSLC
IPFKPLCELQPGAKCVCGKNPAKYYTLFGRSY
;
_entity_poly.pdbx_strand_id   A,B
#
# COMPACT_ATOMS: atom_id res chain seq x y z
N LEU A 16 -6.23 11.60 30.24
CA LEU A 16 -4.91 11.04 30.50
C LEU A 16 -4.72 10.85 32.01
N GLU A 17 -4.27 9.67 32.41
CA GLU A 17 -4.11 9.34 33.82
C GLU A 17 -2.67 9.38 34.30
N ALA A 18 -1.71 9.16 33.41
CA ALA A 18 -0.29 9.15 33.77
C ALA A 18 0.42 10.31 33.10
N LYS A 19 1.64 10.58 33.58
CA LYS A 19 2.48 11.65 33.06
C LYS A 19 3.69 11.06 32.37
N LYS A 20 4.24 11.81 31.40
CA LYS A 20 5.36 11.30 30.62
C LYS A 20 6.63 11.24 31.45
N GLU A 21 6.87 12.25 32.29
CA GLU A 21 8.07 12.26 33.11
C GLU A 21 8.01 11.19 34.20
N GLU A 22 6.81 10.84 34.67
CA GLU A 22 6.68 9.80 35.69
C GLU A 22 6.86 8.42 35.07
N ASN A 23 5.76 7.70 34.85
CA ASN A 23 5.82 6.38 34.22
C ASN A 23 5.64 6.57 32.72
N LEU A 24 6.74 6.49 31.98
CA LEU A 24 6.71 6.73 30.54
C LEU A 24 5.95 5.63 29.81
N ALA A 25 5.94 4.41 30.35
CA ALA A 25 5.28 3.29 29.68
C ALA A 25 3.77 3.48 29.66
N ASP A 26 3.17 3.76 30.82
CA ASP A 26 1.73 3.94 30.88
C ASP A 26 1.28 5.18 30.12
N TRP A 27 2.11 6.22 30.09
CA TRP A 27 1.76 7.42 29.33
C TRP A 27 1.67 7.13 27.85
N TYR A 28 2.65 6.38 27.32
CA TYR A 28 2.66 6.07 25.89
C TYR A 28 1.47 5.22 25.49
N SER A 29 1.09 4.26 26.34
CA SER A 29 -0.02 3.37 26.03
C SER A 29 -1.34 4.15 26.00
N GLN A 30 -1.50 5.14 26.88
CA GLN A 30 -2.74 5.90 26.90
C GLN A 30 -2.80 6.93 25.79
N VAL A 31 -1.66 7.46 25.35
CA VAL A 31 -1.67 8.47 24.30
C VAL A 31 -1.96 7.84 22.95
N ILE A 32 -1.41 6.67 22.68
CA ILE A 32 -1.65 6.02 21.39
C ILE A 32 -3.10 5.56 21.28
N THR A 33 -3.74 5.25 22.41
CA THR A 33 -5.12 4.77 22.39
C THR A 33 -6.12 5.91 22.39
N LYS A 34 -5.97 6.87 23.31
CA LYS A 34 -6.93 7.97 23.41
C LYS A 34 -6.81 8.95 22.25
N SER A 35 -5.71 8.92 21.49
CA SER A 35 -5.63 9.66 20.26
C SER A 35 -6.30 8.94 19.10
N GLU A 36 -6.84 7.75 19.34
CA GLU A 36 -7.45 6.92 18.29
C GLU A 36 -6.45 6.61 17.18
N MET A 37 -5.21 6.37 17.57
CA MET A 37 -4.15 5.96 16.64
C MET A 37 -3.95 4.45 16.62
N ILE A 38 -3.97 3.80 17.78
CA ILE A 38 -3.63 2.39 17.91
C ILE A 38 -4.74 1.68 18.67
N GLU A 39 -5.15 0.53 18.15
CA GLU A 39 -6.05 -0.38 18.85
C GLU A 39 -5.37 -1.72 19.01
N TYR A 40 -5.47 -2.31 20.19
CA TYR A 40 -4.81 -3.57 20.48
C TYR A 40 -5.59 -4.74 19.90
N HIS A 41 -4.85 -5.77 19.50
CA HIS A 41 -5.40 -6.97 18.87
C HIS A 41 -5.18 -8.17 19.79
N ASP A 42 -5.83 -9.28 19.43
CA ASP A 42 -5.68 -10.50 20.24
C ASP A 42 -4.29 -11.10 20.09
N ILE A 43 -3.68 -10.98 18.92
CA ILE A 43 -2.35 -11.55 18.67
C ILE A 43 -1.30 -10.70 19.37
N SER A 44 -0.45 -11.34 20.15
CA SER A 44 0.64 -10.64 20.83
C SER A 44 1.62 -10.08 19.80
N GLY A 45 1.73 -8.76 19.74
CA GLY A 45 2.61 -8.09 18.80
C GLY A 45 1.91 -7.39 17.67
N CYS A 46 0.62 -7.60 17.50
CA CYS A 46 -0.14 -7.00 16.41
C CYS A 46 -0.94 -5.81 16.92
N TYR A 47 -0.95 -4.74 16.14
CA TYR A 47 -1.64 -3.51 16.52
C TYR A 47 -2.38 -2.96 15.32
N ILE A 48 -3.54 -2.35 15.59
CA ILE A 48 -4.39 -1.81 14.55
C ILE A 48 -3.96 -0.37 14.27
N LEU A 49 -3.65 -0.08 13.01
CA LEU A 49 -3.31 1.29 12.61
C LEU A 49 -4.60 1.99 12.23
N ARG A 50 -5.13 2.78 13.16
CA ARG A 50 -6.40 3.47 12.94
C ARG A 50 -6.18 4.67 12.00
N PRO A 51 -7.26 5.20 11.42
CA PRO A 51 -7.11 6.28 10.43
C PRO A 51 -6.30 7.48 10.92
N TRP A 52 -6.35 7.79 12.22
CA TRP A 52 -5.61 8.94 12.72
C TRP A 52 -4.11 8.73 12.60
N ALA A 53 -3.62 7.52 12.93
CA ALA A 53 -2.21 7.21 12.73
C ALA A 53 -1.90 6.86 11.29
N TYR A 54 -2.86 6.28 10.57
CA TYR A 54 -2.62 5.87 9.19
C TYR A 54 -2.46 7.07 8.27
N ALA A 55 -3.09 8.20 8.59
CA ALA A 55 -2.95 9.39 7.77
C ALA A 55 -1.53 9.94 7.82
N ILE A 56 -0.84 9.75 8.94
CA ILE A 56 0.56 10.18 9.03
C ILE A 56 1.42 9.35 8.10
N TRP A 57 1.19 8.03 8.05
CA TRP A 57 1.99 7.16 7.19
C TRP A 57 1.77 7.50 5.71
N GLU A 58 0.54 7.82 5.34
CA GLU A 58 0.27 8.22 3.96
C GLU A 58 0.92 9.56 3.63
N ALA A 59 1.00 10.46 4.61
CA ALA A 59 1.72 11.71 4.38
C ALA A 59 3.22 11.47 4.25
N ILE A 60 3.75 10.49 4.97
CA ILE A 60 5.15 10.14 4.84
C ILE A 60 5.44 9.50 3.49
N LYS A 61 4.53 8.64 3.02
CA LYS A 61 4.83 7.86 1.84
C LYS A 61 4.66 8.66 0.54
N ASP A 62 3.73 9.62 0.50
CA ASP A 62 3.56 10.41 -0.69
C ASP A 62 4.64 11.47 -0.85
N PHE A 63 5.33 11.83 0.25
CA PHE A 63 6.52 12.64 0.13
C PHE A 63 7.71 11.80 -0.34
N PHE A 64 7.89 10.63 0.27
CA PHE A 64 9.03 9.78 -0.06
C PHE A 64 8.91 9.23 -1.48
N ASP A 65 7.70 8.90 -1.91
CA ASP A 65 7.50 8.45 -3.29
C ASP A 65 7.88 9.53 -4.29
N ALA A 66 7.47 10.78 -4.03
CA ALA A 66 7.81 11.88 -4.92
C ALA A 66 9.32 12.12 -4.99
N GLU A 67 10.07 11.75 -3.94
CA GLU A 67 11.51 11.98 -3.95
C GLU A 67 12.24 10.85 -4.68
N ILE A 68 11.91 9.60 -4.37
CA ILE A 68 12.58 8.48 -5.02
C ILE A 68 12.19 8.36 -6.48
N LYS A 69 11.03 8.89 -6.88
CA LYS A 69 10.69 8.91 -8.29
C LYS A 69 11.60 9.84 -9.07
N LYS A 70 12.07 10.92 -8.43
CA LYS A 70 13.08 11.77 -9.05
C LYS A 70 14.41 11.04 -9.19
N LEU A 71 14.72 10.14 -8.27
CA LEU A 71 15.94 9.35 -8.33
C LEU A 71 15.84 8.18 -9.31
N GLY A 72 14.68 7.97 -9.93
CA GLY A 72 14.50 6.90 -10.89
C GLY A 72 13.86 5.64 -10.33
N VAL A 73 13.48 5.63 -9.05
CA VAL A 73 12.89 4.45 -8.44
C VAL A 73 11.44 4.32 -8.87
N GLU A 74 11.02 3.10 -9.17
CA GLU A 74 9.63 2.81 -9.52
C GLU A 74 9.05 1.83 -8.51
N ASN A 75 7.75 1.98 -8.24
CA ASN A 75 7.06 1.14 -7.27
C ASN A 75 6.57 -0.16 -7.89
N CYS A 76 6.50 -1.19 -7.06
CA CYS A 76 6.09 -2.52 -7.50
C CYS A 76 5.61 -3.29 -6.26
N TYR A 77 5.36 -4.58 -6.42
CA TYR A 77 5.02 -5.43 -5.29
C TYR A 77 5.46 -6.87 -5.58
N PHE A 78 6.17 -7.46 -4.62
CA PHE A 78 6.65 -8.83 -4.69
C PHE A 78 5.86 -9.71 -3.73
N PRO A 79 5.82 -11.02 -3.97
CA PRO A 79 5.08 -11.92 -3.08
C PRO A 79 5.64 -11.88 -1.65
N MET A 80 4.78 -12.23 -0.71
CA MET A 80 5.14 -12.20 0.71
C MET A 80 5.69 -13.52 1.21
N PHE A 81 5.66 -14.58 0.41
CA PHE A 81 6.21 -15.87 0.79
C PHE A 81 7.51 -16.11 0.04
N VAL A 82 8.44 -16.80 0.72
CA VAL A 82 9.75 -17.09 0.16
C VAL A 82 9.99 -18.60 0.24
N SER A 83 10.61 -19.16 -0.79
CA SER A 83 10.83 -20.59 -0.86
C SER A 83 11.76 -21.08 0.24
N GLN A 84 11.62 -22.37 0.58
CA GLN A 84 12.49 -22.97 1.58
C GLN A 84 13.93 -23.06 1.09
N SER A 85 14.13 -23.27 -0.21
CA SER A 85 15.48 -23.33 -0.77
C SER A 85 16.06 -21.95 -1.05
N ALA A 86 15.21 -20.94 -1.28
CA ALA A 86 15.71 -19.59 -1.48
C ALA A 86 16.42 -19.07 -0.24
N LEU A 87 15.96 -19.46 0.96
CA LEU A 87 16.67 -19.10 2.18
C LEU A 87 17.93 -19.91 2.34
N GLU A 88 17.99 -21.11 1.75
CA GLU A 88 19.22 -21.91 1.80
C GLU A 88 20.31 -21.34 0.91
N LYS A 89 19.94 -20.53 -0.09
CA LYS A 89 20.95 -19.85 -0.90
C LYS A 89 21.77 -18.88 -0.07
N GLU A 90 21.21 -18.38 1.03
CA GLU A 90 21.87 -17.41 1.88
C GLU A 90 22.36 -18.08 3.16
N LYS A 91 23.61 -17.81 3.53
CA LYS A 91 24.19 -18.36 4.74
C LYS A 91 24.18 -17.36 5.89
N THR A 92 24.78 -16.18 5.69
CA THR A 92 24.77 -15.15 6.72
C THR A 92 23.38 -14.52 6.84
N HIS A 93 22.69 -14.35 5.72
CA HIS A 93 21.33 -13.80 5.76
C HIS A 93 20.37 -14.74 6.48
N VAL A 94 20.57 -16.05 6.34
CA VAL A 94 19.77 -17.02 7.09
C VAL A 94 20.33 -17.29 8.48
N ALA A 95 21.46 -16.68 8.83
CA ALA A 95 22.05 -16.82 10.16
C ALA A 95 21.49 -15.78 11.13
N ASP A 96 21.47 -14.51 10.72
CA ASP A 96 20.90 -13.47 11.57
C ASP A 96 19.38 -13.47 11.51
N PHE A 97 18.80 -13.95 10.41
CA PHE A 97 17.36 -14.16 10.31
C PHE A 97 16.94 -15.57 10.71
N ALA A 98 17.82 -16.31 11.38
CA ALA A 98 17.46 -17.66 11.82
C ALA A 98 16.36 -17.65 12.87
N PRO A 99 16.42 -16.86 13.95
CA PRO A 99 15.37 -16.92 14.97
C PRO A 99 14.19 -15.99 14.73
N GLU A 100 14.11 -15.29 13.61
CA GLU A 100 13.10 -14.26 13.38
C GLU A 100 12.39 -14.47 12.06
N VAL A 101 11.83 -15.66 11.86
CA VAL A 101 11.10 -16.00 10.64
C VAL A 101 9.92 -16.90 11.01
N ALA A 102 8.74 -16.53 10.53
CA ALA A 102 7.55 -17.36 10.69
C ALA A 102 7.35 -18.24 9.46
N TRP A 103 6.84 -19.44 9.68
CA TRP A 103 6.70 -20.44 8.62
C TRP A 103 5.24 -20.90 8.51
N VAL A 104 4.77 -21.00 7.29
CA VAL A 104 3.45 -21.54 6.98
C VAL A 104 3.63 -22.95 6.43
N THR A 105 2.99 -23.93 7.08
CA THR A 105 3.10 -25.32 6.66
C THR A 105 1.75 -25.98 6.37
N ARG A 106 0.64 -25.28 6.61
CA ARG A 106 -0.68 -25.86 6.45
C ARG A 106 -1.63 -24.84 5.81
N SER A 107 -2.45 -25.33 4.88
CA SER A 107 -3.58 -24.56 4.34
C SER A 107 -4.83 -25.36 4.69
N GLY A 108 -5.54 -24.91 5.73
CA GLY A 108 -6.67 -25.69 6.21
C GLY A 108 -6.17 -26.91 6.97
N LYS A 109 -6.73 -28.07 6.64
CA LYS A 109 -6.31 -29.34 7.25
C LYS A 109 -5.43 -30.16 6.31
N THR A 110 -4.70 -29.50 5.41
CA THR A 110 -3.83 -30.17 4.46
C THR A 110 -2.42 -29.62 4.58
N GLU A 111 -1.43 -30.47 4.41
CA GLU A 111 -0.04 -30.04 4.43
C GLU A 111 0.35 -29.47 3.07
N LEU A 112 1.19 -28.44 3.10
CA LEU A 112 1.67 -27.82 1.87
C LEU A 112 2.76 -28.68 1.24
N ALA A 113 3.18 -28.27 0.03
CA ALA A 113 4.27 -28.96 -0.64
C ALA A 113 5.58 -28.78 0.11
N GLU A 114 5.88 -27.54 0.51
CA GLU A 114 7.07 -27.22 1.28
C GLU A 114 6.76 -26.06 2.21
N PRO A 115 7.43 -25.96 3.35
CA PRO A 115 7.20 -24.82 4.24
C PRO A 115 7.57 -23.51 3.57
N ILE A 116 6.63 -22.57 3.55
CA ILE A 116 6.87 -21.22 3.04
C ILE A 116 6.98 -20.29 4.23
N ALA A 117 7.80 -19.25 4.07
CA ALA A 117 8.11 -18.34 5.15
C ALA A 117 7.56 -16.95 4.85
N ILE A 118 6.99 -16.31 5.89
CA ILE A 118 6.56 -14.93 5.75
C ILE A 118 7.78 -14.03 5.75
N ARG A 119 7.82 -13.10 4.81
CA ARG A 119 9.01 -12.29 4.57
C ARG A 119 9.35 -11.42 5.79
N PRO A 120 10.51 -11.62 6.43
CA PRO A 120 11.03 -10.56 7.31
C PRO A 120 11.68 -9.45 6.52
N THR A 121 11.95 -9.69 5.24
CA THR A 121 12.54 -8.81 4.24
C THR A 121 12.61 -9.60 2.96
N SER A 122 12.56 -8.88 1.84
CA SER A 122 12.36 -9.51 0.52
C SER A 122 13.65 -9.48 -0.31
N GLU A 123 14.81 -9.66 0.33
CA GLU A 123 16.04 -9.86 -0.44
C GLU A 123 15.99 -11.18 -1.20
N THR A 124 15.63 -12.27 -0.52
CA THR A 124 15.55 -13.58 -1.13
C THR A 124 14.37 -13.72 -2.09
N VAL A 125 13.44 -12.77 -2.09
CA VAL A 125 12.29 -12.82 -2.99
C VAL A 125 12.58 -12.07 -4.28
N MET A 126 13.20 -10.89 -4.19
CA MET A 126 13.39 -10.04 -5.36
C MET A 126 14.60 -10.45 -6.18
N TYR A 127 15.68 -10.87 -5.52
CA TYR A 127 16.96 -11.08 -6.19
C TYR A 127 16.97 -12.27 -7.14
N PRO A 128 16.23 -13.35 -6.88
CA PRO A 128 16.06 -14.36 -7.94
C PRO A 128 15.43 -13.80 -9.20
N ALA A 129 14.63 -12.73 -9.10
CA ALA A 129 14.10 -12.10 -10.29
C ALA A 129 15.09 -11.12 -10.90
N TYR A 130 15.94 -10.49 -10.08
CA TYR A 130 16.97 -9.61 -10.60
C TYR A 130 17.92 -10.35 -11.53
N ALA A 131 18.28 -11.59 -11.18
CA ALA A 131 19.22 -12.35 -11.98
C ALA A 131 18.68 -12.63 -13.38
N LYS A 132 17.38 -12.84 -13.50
CA LYS A 132 16.80 -13.07 -14.82
C LYS A 132 16.67 -11.78 -15.61
N TRP A 133 16.35 -10.68 -14.92
CA TRP A 133 16.22 -9.39 -15.61
C TRP A 133 17.58 -8.84 -16.01
N VAL A 134 18.57 -8.97 -15.14
CA VAL A 134 19.90 -8.42 -15.38
C VAL A 134 20.66 -9.42 -16.25
N GLN A 135 20.72 -9.16 -17.55
CA GLN A 135 21.53 -9.93 -18.47
C GLN A 135 22.52 -9.08 -19.24
N SER A 136 22.24 -7.79 -19.42
CA SER A 136 23.11 -6.86 -20.11
C SER A 136 23.35 -5.65 -19.23
N HIS A 137 24.31 -4.80 -19.66
CA HIS A 137 24.57 -3.56 -18.94
C HIS A 137 23.44 -2.55 -19.11
N ARG A 138 22.64 -2.68 -20.18
CA ARG A 138 21.49 -1.81 -20.37
C ARG A 138 20.38 -2.12 -19.37
N ASP A 139 20.35 -3.33 -18.80
CA ASP A 139 19.36 -3.66 -17.79
C ASP A 139 19.59 -2.92 -16.47
N LEU A 140 20.78 -2.39 -16.26
CA LEU A 140 21.15 -1.65 -15.07
C LEU A 140 21.12 -0.15 -15.33
N PRO A 141 20.78 0.66 -14.33
CA PRO A 141 20.44 0.24 -12.97
C PRO A 141 18.95 -0.10 -12.80
N ILE A 142 18.68 -1.05 -11.90
CA ILE A 142 17.31 -1.41 -11.52
C ILE A 142 17.02 -0.78 -10.17
N LYS A 143 16.01 0.08 -10.12
CA LYS A 143 15.61 0.76 -8.89
C LYS A 143 14.14 0.47 -8.63
N LEU A 144 13.88 -0.37 -7.63
CA LEU A 144 12.53 -0.80 -7.30
C LEU A 144 12.24 -0.51 -5.83
N ASN A 145 10.95 -0.30 -5.54
CA ASN A 145 10.50 -0.02 -4.18
C ASN A 145 9.09 -0.57 -4.02
N GLN A 146 8.74 -0.93 -2.79
CA GLN A 146 7.41 -1.45 -2.52
C GLN A 146 6.98 -1.04 -1.11
N TRP A 147 5.69 -0.73 -0.97
CA TRP A 147 5.08 -0.46 0.33
C TRP A 147 4.29 -1.69 0.73
N CYS A 148 4.74 -2.38 1.78
CA CYS A 148 4.17 -3.67 2.13
C CYS A 148 4.27 -3.85 3.64
N ASN A 149 3.91 -5.04 4.11
CA ASN A 149 4.00 -5.42 5.52
C ASN A 149 5.07 -6.48 5.71
N VAL A 150 5.62 -6.54 6.91
CA VAL A 150 6.75 -7.42 7.22
C VAL A 150 6.55 -8.02 8.60
N VAL A 151 6.82 -9.32 8.73
CA VAL A 151 6.70 -10.04 9.99
C VAL A 151 8.10 -10.35 10.49
N ARG A 152 8.47 -9.76 11.63
CA ARG A 152 9.74 -10.03 12.30
C ARG A 152 9.42 -10.65 13.64
N TRP A 153 9.78 -11.93 13.81
CA TRP A 153 9.46 -12.66 15.03
C TRP A 153 10.51 -12.37 16.10
N GLU A 154 10.48 -11.13 16.59
CA GLU A 154 11.37 -10.70 17.67
C GLU A 154 10.72 -11.04 19.00
N PHE A 155 11.38 -11.93 19.76
CA PHE A 155 10.89 -12.34 21.07
C PHE A 155 11.13 -11.29 22.15
N LYS A 156 11.34 -10.03 21.77
CA LYS A 156 11.59 -8.97 22.75
C LYS A 156 10.30 -8.39 23.28
N HIS A 157 9.98 -7.16 22.90
CA HIS A 157 8.86 -6.42 23.48
C HIS A 157 7.98 -5.81 22.40
N PRO A 158 6.84 -6.42 22.12
CA PRO A 158 5.87 -5.76 21.24
C PRO A 158 5.36 -4.44 21.81
N GLN A 159 5.85 -3.33 21.27
CA GLN A 159 5.33 -2.01 21.59
C GLN A 159 4.91 -1.33 20.30
N PRO A 160 3.74 -0.71 20.25
CA PRO A 160 3.22 -0.16 18.99
C PRO A 160 4.21 0.81 18.33
N PHE A 161 4.29 0.71 17.00
CA PHE A 161 5.20 1.48 16.16
C PHE A 161 6.67 1.12 16.41
N LEU A 162 7.11 1.18 17.67
CA LEU A 162 8.52 0.99 18.00
C LEU A 162 8.99 -0.42 17.67
N ARG A 163 8.61 -1.40 18.49
CA ARG A 163 8.97 -2.81 18.29
C ARG A 163 7.69 -3.59 18.10
N THR A 164 7.41 -4.00 16.86
CA THR A 164 6.21 -4.77 16.55
C THR A 164 6.59 -5.99 15.73
N ARG A 165 5.83 -7.08 15.92
CA ARG A 165 6.08 -8.29 15.15
C ARG A 165 5.70 -8.09 13.69
N GLU A 166 4.56 -7.47 13.42
CA GLU A 166 4.16 -7.08 12.08
C GLU A 166 4.14 -5.55 12.00
N PHE A 167 4.66 -5.02 10.90
CA PHE A 167 4.68 -3.58 10.71
C PHE A 167 4.70 -3.26 9.22
N LEU A 168 4.26 -2.06 8.89
CA LEU A 168 4.33 -1.55 7.52
C LEU A 168 5.63 -0.81 7.31
N TRP A 169 6.16 -0.90 6.10
CA TRP A 169 7.39 -0.19 5.77
C TRP A 169 7.48 -0.01 4.26
N GLN A 170 8.59 0.57 3.82
CA GLN A 170 8.99 0.56 2.42
C GLN A 170 10.37 -0.07 2.35
N GLU A 171 10.62 -0.83 1.28
CA GLU A 171 11.93 -1.41 1.04
C GLU A 171 12.32 -1.16 -0.40
N GLY A 172 13.44 -0.46 -0.59
CA GLY A 172 13.98 -0.18 -1.92
C GLY A 172 15.23 -0.99 -2.16
N HIS A 173 15.28 -1.65 -3.32
CA HIS A 173 16.39 -2.51 -3.70
C HIS A 173 16.93 -2.02 -5.04
N SER A 174 18.18 -1.55 -5.03
CA SER A 174 18.82 -1.04 -6.23
C SER A 174 20.01 -1.91 -6.61
N ALA A 175 20.27 -2.01 -7.91
CA ALA A 175 21.40 -2.77 -8.43
C ALA A 175 22.09 -1.93 -9.49
N PHE A 176 23.41 -1.79 -9.37
CA PHE A 176 24.18 -0.95 -10.27
C PHE A 176 25.33 -1.76 -10.86
N ALA A 177 25.91 -1.22 -11.93
CA ALA A 177 27.11 -1.78 -12.51
C ALA A 177 28.38 -1.30 -11.83
N THR A 178 28.37 -0.07 -11.30
CA THR A 178 29.52 0.50 -10.61
C THR A 178 29.24 0.55 -9.12
N MET A 179 30.31 0.44 -8.33
CA MET A 179 30.17 0.60 -6.89
C MET A 179 30.07 2.06 -6.50
N GLU A 180 30.63 2.96 -7.33
CA GLU A 180 30.58 4.39 -7.01
C GLU A 180 29.13 4.89 -6.99
N GLU A 181 28.32 4.47 -7.96
CA GLU A 181 26.92 4.88 -7.96
C GLU A 181 26.14 4.19 -6.84
N ALA A 182 26.51 2.96 -6.48
CA ALA A 182 25.87 2.29 -5.36
C ALA A 182 26.21 2.98 -4.04
N ALA A 183 27.46 3.44 -3.90
CA ALA A 183 27.83 4.15 -2.69
C ALA A 183 27.12 5.49 -2.58
N GLU A 184 26.86 6.14 -3.72
CA GLU A 184 26.15 7.42 -3.69
C GLU A 184 24.70 7.24 -3.29
N GLU A 185 24.03 6.21 -3.80
CA GLU A 185 22.62 6.01 -3.51
C GLU A 185 22.38 5.66 -2.05
N VAL A 186 23.33 4.98 -1.41
CA VAL A 186 23.17 4.63 0.01
C VAL A 186 23.04 5.90 0.84
N LEU A 187 23.87 6.90 0.58
CA LEU A 187 23.81 8.15 1.32
C LEU A 187 22.74 9.09 0.75
N GLN A 188 22.41 8.95 -0.54
CA GLN A 188 21.28 9.71 -1.08
C GLN A 188 19.98 9.33 -0.39
N ILE A 189 19.75 8.02 -0.21
CA ILE A 189 18.55 7.57 0.47
C ILE A 189 18.61 7.93 1.96
N LEU A 190 19.79 7.79 2.58
CA LEU A 190 19.92 8.15 3.99
C LEU A 190 19.61 9.63 4.22
N ASP A 191 19.94 10.49 3.27
CA ASP A 191 19.61 11.90 3.41
C ASP A 191 18.11 12.14 3.22
N LEU A 192 17.43 11.26 2.48
CA LEU A 192 15.97 11.34 2.42
C LEU A 192 15.34 10.93 3.74
N TYR A 193 15.88 9.89 4.37
CA TYR A 193 15.37 9.47 5.68
C TYR A 193 15.55 10.57 6.72
N ALA A 194 16.63 11.35 6.62
CA ALA A 194 16.84 12.45 7.54
C ALA A 194 15.86 13.58 7.30
N GLN A 195 15.49 13.83 6.05
CA GLN A 195 14.50 14.86 5.75
C GLN A 195 13.12 14.46 6.23
N VAL A 196 12.81 13.16 6.22
CA VAL A 196 11.52 12.69 6.74
C VAL A 196 11.41 13.00 8.22
N TYR A 197 12.48 12.74 8.99
CA TYR A 197 12.43 12.98 10.42
C TYR A 197 12.53 14.47 10.75
N GLU A 198 13.35 15.21 10.02
CA GLU A 198 13.62 16.61 10.33
C GLU A 198 12.57 17.55 9.74
N GLU A 199 12.25 17.38 8.45
CA GLU A 199 11.35 18.32 7.79
C GLU A 199 9.88 17.94 7.95
N LEU A 200 9.56 16.65 8.00
CA LEU A 200 8.17 16.23 8.15
C LEU A 200 7.78 15.99 9.61
N LEU A 201 8.62 15.28 10.35
CA LEU A 201 8.33 14.91 11.73
C LEU A 201 8.97 15.83 12.75
N ALA A 202 9.79 16.79 12.31
CA ALA A 202 10.44 17.75 13.20
C ALA A 202 11.29 17.05 14.25
N ILE A 203 12.04 16.05 13.83
CA ILE A 203 12.89 15.25 14.71
C ILE A 203 14.31 15.30 14.18
N PRO A 204 15.26 15.88 14.90
CA PRO A 204 16.66 15.81 14.48
C PRO A 204 17.21 14.41 14.72
N VAL A 205 18.06 13.96 13.80
CA VAL A 205 18.66 12.64 13.86
C VAL A 205 20.16 12.77 13.65
N VAL A 206 20.87 11.68 13.95
CA VAL A 206 22.31 11.60 13.80
C VAL A 206 22.62 10.60 12.70
N LYS A 207 23.20 11.08 11.61
CA LYS A 207 23.65 10.18 10.55
C LYS A 207 24.90 9.44 11.01
N GLY A 208 24.95 8.15 10.73
CA GLY A 208 26.11 7.37 11.14
C GLY A 208 26.11 6.01 10.48
N ARG A 209 27.15 5.25 10.80
CA ARG A 209 27.30 3.89 10.33
C ARG A 209 27.22 2.94 11.52
N LYS A 210 26.55 1.81 11.33
CA LYS A 210 26.43 0.83 12.40
C LYS A 210 27.68 -0.03 12.46
N THR A 211 28.00 -0.50 13.68
CA THR A 211 29.18 -1.32 13.89
C THR A 211 29.00 -2.70 13.25
N GLU A 212 30.09 -3.46 13.25
CA GLU A 212 30.06 -4.82 12.71
C GLU A 212 29.13 -5.73 13.51
N LYS A 213 28.83 -5.37 14.76
CA LYS A 213 27.94 -6.19 15.58
C LYS A 213 26.48 -5.95 15.25
N GLU A 214 26.09 -4.70 15.02
CA GLU A 214 24.70 -4.34 14.76
C GLU A 214 24.39 -4.20 13.27
N LYS A 215 25.34 -4.48 12.39
CA LYS A 215 25.12 -4.29 10.96
C LYS A 215 24.17 -5.34 10.41
N PHE A 216 23.66 -5.07 9.22
CA PHE A 216 22.83 -6.03 8.49
C PHE A 216 23.71 -7.17 7.99
N ALA A 217 23.56 -8.35 8.60
CA ALA A 217 24.39 -9.49 8.23
C ALA A 217 24.11 -9.90 6.78
N GLY A 218 25.18 -10.04 6.00
CA GLY A 218 25.08 -10.37 4.60
C GLY A 218 25.35 -9.22 3.66
N GLY A 219 25.54 -8.01 4.18
CA GLY A 219 25.84 -6.85 3.38
C GLY A 219 27.20 -6.27 3.73
N ASP A 220 27.61 -5.28 2.94
CA ASP A 220 28.88 -4.61 3.18
C ASP A 220 28.82 -3.81 4.48
N TYR A 221 28.20 -2.64 4.42
CA TYR A 221 28.05 -1.80 5.60
C TYR A 221 26.61 -1.28 5.68
N THR A 222 26.25 -0.78 6.87
CA THR A 222 24.91 -0.27 7.13
C THR A 222 25.01 1.16 7.64
N THR A 223 24.37 2.09 6.93
CA THR A 223 24.21 3.46 7.39
C THR A 223 22.85 3.60 8.07
N THR A 224 22.75 4.59 8.96
CA THR A 224 21.57 4.69 9.80
C THR A 224 21.40 6.11 10.31
N ILE A 225 20.18 6.39 10.76
CA ILE A 225 19.86 7.62 11.49
C ILE A 225 19.35 7.23 12.87
N GLU A 226 19.80 7.96 13.89
CA GLU A 226 19.46 7.66 15.27
C GLU A 226 18.81 8.89 15.89
N ALA A 227 17.66 8.70 16.53
CA ALA A 227 16.95 9.76 17.22
C ALA A 227 16.99 9.52 18.73
N PHE A 228 16.86 10.62 19.48
CA PHE A 228 16.96 10.59 20.93
C PHE A 228 15.62 10.97 21.57
N ILE A 229 15.32 10.33 22.69
CA ILE A 229 14.09 10.57 23.44
C ILE A 229 14.47 11.06 24.83
N SER A 230 14.07 12.28 25.16
CA SER A 230 14.50 12.90 26.42
C SER A 230 13.80 12.29 27.62
N ALA A 231 12.52 11.96 27.48
CA ALA A 231 11.73 11.46 28.60
C ALA A 231 12.24 10.13 29.15
N SER A 232 13.12 9.44 28.43
CA SER A 232 13.65 8.17 28.86
C SER A 232 15.16 8.02 28.71
N GLY A 233 15.83 8.98 28.06
CA GLY A 233 17.26 8.91 27.84
C GLY A 233 17.71 7.85 26.85
N ARG A 234 16.79 7.02 26.35
CA ARG A 234 17.13 5.96 25.43
C ARG A 234 17.04 6.46 23.99
N ALA A 235 17.99 6.04 23.15
CA ALA A 235 17.97 6.38 21.75
C ALA A 235 17.29 5.27 20.95
N ILE A 236 17.05 5.55 19.66
CA ILE A 236 16.34 4.61 18.81
C ILE A 236 16.77 4.85 17.36
N GLN A 237 16.85 3.77 16.60
CA GLN A 237 17.20 3.83 15.18
C GLN A 237 15.95 4.12 14.36
N GLY A 238 16.07 5.05 13.42
CA GLY A 238 14.90 5.50 12.67
C GLY A 238 14.86 5.06 11.23
N GLY A 239 15.97 4.55 10.70
CA GLY A 239 16.02 4.12 9.32
C GLY A 239 17.35 3.51 8.94
N THR A 240 17.34 2.62 7.95
CA THR A 240 18.54 1.91 7.53
C THR A 240 18.71 2.03 6.02
N SER A 241 19.96 2.24 5.60
CA SER A 241 20.32 2.24 4.18
C SER A 241 21.62 1.44 4.06
N HIS A 242 21.51 0.21 3.56
CA HIS A 242 22.64 -0.69 3.51
C HIS A 242 23.26 -0.70 2.12
N HIS A 243 24.59 -0.83 2.08
CA HIS A 243 25.29 -1.23 0.87
C HIS A 243 25.57 -2.72 0.98
N LEU A 244 25.11 -3.49 0.00
CA LEU A 244 25.28 -4.93 0.02
C LEU A 244 26.49 -5.39 -0.80
N GLY A 245 27.12 -4.49 -1.53
CA GLY A 245 28.27 -4.88 -2.34
C GLY A 245 27.86 -5.88 -3.40
N GLN A 246 28.66 -6.94 -3.53
CA GLN A 246 28.37 -8.04 -4.44
C GLN A 246 28.05 -9.33 -3.69
N ASN A 247 27.75 -9.22 -2.39
CA ASN A 247 27.46 -10.41 -1.59
C ASN A 247 26.24 -11.15 -2.11
N PHE A 248 25.11 -10.44 -2.22
CA PHE A 248 23.88 -11.09 -2.66
C PHE A 248 23.94 -11.44 -4.15
N SER A 249 24.61 -10.61 -4.96
CA SER A 249 24.66 -10.88 -6.40
C SER A 249 25.47 -12.12 -6.73
N LYS A 250 26.32 -12.58 -5.81
CA LYS A 250 27.07 -13.81 -6.02
C LYS A 250 26.28 -15.04 -5.62
N MET A 251 25.36 -14.92 -4.66
CA MET A 251 24.51 -16.04 -4.29
C MET A 251 23.45 -16.30 -5.35
N PHE A 252 22.74 -15.25 -5.77
CA PHE A 252 21.66 -15.37 -6.75
C PHE A 252 22.14 -15.19 -8.18
N GLU A 253 23.43 -14.98 -8.40
CA GLU A 253 24.04 -14.89 -9.72
C GLU A 253 23.42 -13.74 -10.53
N ILE A 254 23.51 -12.54 -9.97
CA ILE A 254 23.03 -11.33 -10.66
C ILE A 254 24.23 -10.78 -11.43
N VAL A 255 24.35 -11.19 -12.68
CA VAL A 255 25.52 -10.89 -13.50
C VAL A 255 25.08 -10.10 -14.73
N PHE A 256 26.00 -9.28 -15.24
CA PHE A 256 25.75 -8.49 -16.45
C PHE A 256 27.00 -8.51 -17.31
N GLU A 257 26.80 -8.53 -18.62
CA GLU A 257 27.91 -8.57 -19.56
C GLU A 257 28.62 -7.22 -19.59
N ASP A 258 29.94 -7.26 -19.73
CA ASP A 258 30.73 -6.03 -19.81
C ASP A 258 30.41 -5.31 -21.12
N PRO A 259 30.20 -3.99 -21.09
CA PRO A 259 29.83 -3.27 -22.32
C PRO A 259 30.99 -3.07 -23.30
N LYS A 260 32.19 -3.55 -22.99
CA LYS A 260 33.33 -3.38 -23.88
C LYS A 260 34.13 -4.66 -24.08
N ILE A 261 34.35 -5.44 -23.02
CA ILE A 261 35.12 -6.67 -23.11
C ILE A 261 34.18 -7.80 -23.49
N PRO A 262 34.36 -8.45 -24.64
CA PRO A 262 33.43 -9.52 -25.05
C PRO A 262 33.55 -10.75 -24.16
N GLY A 263 32.43 -11.15 -23.55
CA GLY A 263 32.34 -12.39 -22.82
C GLY A 263 32.47 -12.24 -21.31
N GLU A 264 33.20 -11.24 -20.84
CA GLU A 264 33.45 -11.10 -19.41
C GLU A 264 32.24 -10.51 -18.72
N LYS A 265 31.82 -11.15 -17.62
CA LYS A 265 30.68 -10.72 -16.85
C LYS A 265 31.12 -10.29 -15.46
N GLN A 266 30.30 -9.45 -14.83
CA GLN A 266 30.59 -8.93 -13.50
C GLN A 266 29.34 -8.97 -12.65
N PHE A 267 29.53 -9.16 -11.35
CA PHE A 267 28.43 -9.11 -10.40
C PHE A 267 28.02 -7.66 -10.15
N ALA A 268 26.71 -7.44 -10.09
CA ALA A 268 26.19 -6.09 -9.86
C ALA A 268 26.38 -5.69 -8.39
N TYR A 269 26.44 -4.39 -8.17
CA TYR A 269 26.52 -3.83 -6.82
C TYR A 269 25.13 -3.42 -6.37
N GLN A 270 24.72 -3.89 -5.20
CA GLN A 270 23.34 -3.76 -4.75
C GLN A 270 23.25 -2.99 -3.43
N ASN A 271 22.12 -2.32 -3.25
CA ASN A 271 21.80 -1.63 -2.00
C ASN A 271 20.40 -2.05 -1.55
N SER A 272 20.12 -1.81 -0.27
CA SER A 272 18.80 -2.03 0.29
C SER A 272 18.58 -1.02 1.41
N TRP A 273 17.38 -0.43 1.44
CA TRP A 273 17.08 0.62 2.39
C TRP A 273 15.61 0.51 2.80
N GLY A 274 15.34 0.74 4.08
CA GLY A 274 14.00 0.56 4.61
C GLY A 274 13.67 1.61 5.65
N LEU A 275 12.37 1.95 5.69
CA LEU A 275 11.82 2.90 6.65
C LEU A 275 10.45 2.39 7.07
N THR A 276 10.23 2.25 8.37
CA THR A 276 9.06 1.58 8.91
C THR A 276 8.12 2.59 9.58
N THR A 277 6.99 2.06 10.07
CA THR A 277 6.03 2.88 10.81
C THR A 277 6.53 3.29 12.19
N ARG A 278 7.75 2.90 12.56
CA ARG A 278 8.38 3.44 13.76
C ARG A 278 8.49 4.96 13.71
N THR A 279 8.46 5.54 12.51
CA THR A 279 8.40 7.00 12.37
C THR A 279 7.31 7.60 13.25
N ILE A 280 6.13 6.99 13.27
CA ILE A 280 5.03 7.53 14.06
C ILE A 280 5.29 7.37 15.55
N GLY A 281 6.01 6.32 15.94
CA GLY A 281 6.30 6.10 17.36
C GLY A 281 7.29 7.11 17.91
N VAL A 282 8.34 7.42 17.14
CA VAL A 282 9.30 8.42 17.60
C VAL A 282 8.64 9.79 17.67
N MET A 283 7.76 10.10 16.73
CA MET A 283 7.06 11.38 16.75
C MET A 283 6.22 11.53 18.02
N THR A 284 5.62 10.44 18.48
CA THR A 284 4.79 10.50 19.68
C THR A 284 5.63 10.74 20.93
N MET A 285 6.73 9.99 21.08
CA MET A 285 7.55 10.08 22.28
C MET A 285 8.28 11.42 22.36
N VAL A 286 8.71 11.96 21.22
CA VAL A 286 9.53 13.16 21.23
C VAL A 286 8.69 14.41 21.47
N HIS A 287 7.55 14.52 20.79
CA HIS A 287 6.74 15.74 20.83
C HIS A 287 5.59 15.68 21.83
N GLY A 288 5.15 14.49 22.22
CA GLY A 288 4.00 14.39 23.11
C GLY A 288 4.29 14.94 24.49
N ASP A 289 3.22 15.42 25.15
CA ASP A 289 3.33 15.95 26.49
C ASP A 289 2.31 15.31 27.44
N ASN A 290 2.18 15.86 28.64
CA ASN A 290 1.25 15.32 29.62
C ASN A 290 -0.21 15.62 29.29
N MET A 291 -0.52 16.19 28.13
CA MET A 291 -1.88 16.49 27.73
C MET A 291 -2.28 15.74 26.47
N GLY A 292 -1.44 14.84 26.00
CA GLY A 292 -1.76 13.96 24.89
C GLY A 292 -0.76 14.10 23.75
N LEU A 293 -1.20 13.62 22.58
CA LEU A 293 -0.37 13.64 21.39
C LEU A 293 -0.13 15.07 20.91
N VAL A 294 1.00 15.27 20.20
CA VAL A 294 1.34 16.53 19.58
C VAL A 294 1.80 16.24 18.16
N LEU A 295 1.07 16.75 17.17
CA LEU A 295 1.33 16.42 15.77
C LEU A 295 1.99 17.59 15.07
N PRO A 296 3.13 17.36 14.40
CA PRO A 296 3.69 18.38 13.52
C PRO A 296 2.74 18.69 12.38
N PRO A 297 2.51 19.99 12.09
CA PRO A 297 1.56 20.34 11.02
C PRO A 297 1.86 19.72 9.67
N ARG A 298 3.11 19.32 9.42
CA ARG A 298 3.46 18.75 8.12
C ARG A 298 2.82 17.37 7.92
N VAL A 299 2.63 16.62 9.00
CA VAL A 299 2.07 15.27 8.92
C VAL A 299 0.75 15.14 9.67
N ALA A 300 0.22 16.25 10.18
CA ALA A 300 -1.02 16.19 10.95
C ALA A 300 -2.19 15.84 10.05
N CYS A 301 -2.96 14.82 10.45
CA CYS A 301 -4.17 14.46 9.71
C CYS A 301 -5.12 15.64 9.61
N VAL A 302 -5.38 16.29 10.74
CA VAL A 302 -6.12 17.55 10.79
C VAL A 302 -5.18 18.62 11.32
N GLN A 303 -4.95 19.67 10.54
CA GLN A 303 -4.11 20.77 10.97
C GLN A 303 -4.86 21.78 11.82
N VAL A 304 -6.11 22.07 11.48
CA VAL A 304 -6.93 23.04 12.19
C VAL A 304 -8.30 22.44 12.43
N VAL A 305 -8.78 22.49 13.67
CA VAL A 305 -10.12 22.05 14.01
C VAL A 305 -10.93 23.26 14.44
N ILE A 306 -12.10 23.44 13.81
CA ILE A 306 -12.99 24.56 14.09
C ILE A 306 -14.05 24.08 15.07
N ILE A 307 -14.20 24.80 16.17
CA ILE A 307 -15.13 24.40 17.24
C ILE A 307 -16.05 25.57 17.57
N PRO A 308 -17.35 25.44 17.32
CA PRO A 308 -18.28 26.50 17.73
C PRO A 308 -18.43 26.52 19.25
N CYS A 309 -18.35 27.71 19.83
CA CYS A 309 -18.45 27.89 21.28
C CYS A 309 -19.82 28.39 21.69
N GLY A 310 -20.87 27.71 21.25
CA GLY A 310 -22.23 28.10 21.58
C GLY A 310 -23.26 27.03 21.30
N GLU A 318 -32.37 31.17 16.16
CA GLU A 318 -31.67 32.29 16.81
C GLU A 318 -30.35 32.58 16.10
N ASP A 319 -29.34 32.97 16.88
CA ASP A 319 -28.01 33.27 16.34
C ASP A 319 -27.25 32.03 15.90
N LYS A 320 -27.80 30.83 16.09
CA LYS A 320 -27.02 29.61 15.89
C LYS A 320 -26.66 29.39 14.42
N GLU A 321 -27.53 29.80 13.49
CA GLU A 321 -27.27 29.53 12.08
C GLU A 321 -26.03 30.26 11.59
N ALA A 322 -25.85 31.51 12.04
CA ALA A 322 -24.67 32.27 11.61
C ALA A 322 -23.39 31.71 12.22
N LEU A 323 -23.46 31.15 13.43
CA LEU A 323 -22.28 30.59 14.05
C LEU A 323 -21.82 29.32 13.34
N ILE A 324 -22.77 28.45 12.98
CA ILE A 324 -22.42 27.25 12.22
C ILE A 324 -21.94 27.63 10.82
N ALA A 325 -22.41 28.75 10.29
CA ALA A 325 -21.97 29.19 8.97
C ALA A 325 -20.55 29.75 9.03
N LYS A 326 -20.28 30.66 9.97
CA LYS A 326 -18.94 31.25 10.08
C LYS A 326 -17.89 30.18 10.36
N CYS A 327 -18.25 29.12 11.09
CA CYS A 327 -17.33 28.00 11.28
C CYS A 327 -17.06 27.30 9.96
N ASN A 328 -18.10 27.03 9.19
CA ASN A 328 -17.92 26.41 7.88
C ASN A 328 -17.23 27.33 6.88
N ASP A 329 -17.27 28.64 7.10
CA ASP A 329 -16.61 29.56 6.18
C ASP A 329 -15.09 29.51 6.36
N TYR A 330 -14.62 29.45 7.61
CA TYR A 330 -13.21 29.20 7.85
C TYR A 330 -12.79 27.85 7.27
N ARG A 331 -13.70 26.87 7.28
CA ARG A 331 -13.38 25.55 6.74
C ARG A 331 -13.07 25.62 5.26
N ARG A 332 -13.96 26.23 4.47
CA ARG A 332 -13.73 26.31 3.04
C ARG A 332 -12.54 27.21 2.71
N ARG A 333 -12.35 28.28 3.48
CA ARG A 333 -11.20 29.16 3.25
C ARG A 333 -9.88 28.43 3.49
N LEU A 334 -9.84 27.57 4.52
CA LEU A 334 -8.64 26.78 4.76
C LEU A 334 -8.49 25.69 3.71
N LEU A 335 -9.60 25.10 3.26
CA LEU A 335 -9.53 24.14 2.17
C LEU A 335 -9.11 24.81 0.86
N SER A 336 -9.45 26.10 0.69
CA SER A 336 -9.05 26.82 -0.50
C SER A 336 -7.54 26.95 -0.59
N VAL A 337 -6.89 27.24 0.54
CA VAL A 337 -5.44 27.39 0.59
C VAL A 337 -4.80 26.06 0.95
N ASN A 338 -5.56 24.97 0.76
CA ASN A 338 -5.06 23.60 0.95
C ASN A 338 -4.57 23.37 2.38
N ILE A 339 -5.32 23.86 3.36
CA ILE A 339 -5.07 23.59 4.76
C ILE A 339 -6.03 22.49 5.21
N ARG A 340 -5.49 21.42 5.78
CA ARG A 340 -6.32 20.33 6.26
C ARG A 340 -7.11 20.78 7.48
N VAL A 341 -8.44 20.69 7.39
CA VAL A 341 -9.33 21.25 8.40
C VAL A 341 -10.54 20.34 8.57
N ARG A 342 -11.04 20.27 9.80
CA ARG A 342 -12.28 19.59 10.12
C ARG A 342 -13.04 20.43 11.13
N ALA A 343 -14.32 20.67 10.86
CA ALA A 343 -15.19 21.41 11.77
C ALA A 343 -15.97 20.43 12.62
N ASP A 344 -15.82 20.53 13.93
CA ASP A 344 -16.53 19.66 14.88
C ASP A 344 -17.80 20.36 15.30
N LEU A 345 -18.89 20.08 14.59
CA LEU A 345 -20.19 20.69 14.84
C LEU A 345 -21.14 19.77 15.58
N ARG A 346 -20.61 18.81 16.34
CA ARG A 346 -21.45 17.87 17.08
C ARG A 346 -22.16 18.58 18.22
N ASP A 347 -23.50 18.53 18.20
CA ASP A 347 -24.30 19.19 19.22
C ASP A 347 -24.45 18.38 20.49
N ASN A 348 -23.85 17.19 20.56
CA ASN A 348 -23.98 16.34 21.74
C ASN A 348 -23.00 16.72 22.84
N TYR A 349 -21.85 17.27 22.49
CA TYR A 349 -20.76 17.51 23.42
C TYR A 349 -20.60 19.00 23.71
N SER A 350 -20.10 19.29 24.91
CA SER A 350 -19.80 20.66 25.28
C SER A 350 -18.54 21.14 24.57
N PRO A 351 -18.36 22.45 24.42
CA PRO A 351 -17.14 22.96 23.76
C PRO A 351 -15.86 22.53 24.47
N GLY A 352 -15.85 22.53 25.80
CA GLY A 352 -14.66 22.12 26.52
C GLY A 352 -14.31 20.67 26.33
N TRP A 353 -15.32 19.81 26.14
CA TRP A 353 -15.06 18.41 25.82
C TRP A 353 -14.34 18.30 24.49
N LYS A 354 -14.84 19.01 23.47
CA LYS A 354 -14.15 19.04 22.19
C LYS A 354 -12.75 19.62 22.31
N PHE A 355 -12.55 20.55 23.24
CA PHE A 355 -11.23 21.15 23.41
C PHE A 355 -10.21 20.11 23.84
N ASN A 356 -10.50 19.38 24.92
CA ASN A 356 -9.60 18.33 25.36
C ASN A 356 -9.63 17.12 24.44
N HIS A 357 -10.69 16.93 23.66
CA HIS A 357 -10.74 15.81 22.73
C HIS A 357 -9.70 15.98 21.63
N TRP A 358 -9.67 17.14 20.98
CA TRP A 358 -8.72 17.39 19.92
C TRP A 358 -7.33 17.71 20.43
N GLU A 359 -7.20 18.19 21.68
CA GLU A 359 -5.89 18.36 22.26
C GLU A 359 -5.20 17.00 22.48
N LEU A 360 -5.98 16.00 22.89
CA LEU A 360 -5.42 14.65 23.02
C LEU A 360 -5.04 14.07 21.66
N LYS A 361 -5.79 14.42 20.61
CA LYS A 361 -5.48 13.92 19.27
C LYS A 361 -4.35 14.68 18.60
N GLY A 362 -3.91 15.80 19.18
CA GLY A 362 -2.72 16.49 18.70
C GLY A 362 -2.93 17.46 17.57
N VAL A 363 -4.14 18.00 17.40
CA VAL A 363 -4.36 18.96 16.31
C VAL A 363 -3.56 20.22 16.59
N PRO A 364 -2.74 20.69 15.65
CA PRO A 364 -1.86 21.84 15.95
C PRO A 364 -2.61 23.11 16.34
N ILE A 365 -3.61 23.50 15.57
CA ILE A 365 -4.36 24.72 15.80
C ILE A 365 -5.81 24.37 16.11
N ARG A 366 -6.35 24.95 17.16
CA ARG A 366 -7.76 24.85 17.51
C ARG A 366 -8.39 26.23 17.30
N LEU A 367 -9.29 26.32 16.33
CA LEU A 367 -9.93 27.57 15.97
C LEU A 367 -11.27 27.67 16.68
N GLU A 368 -11.36 28.59 17.64
CA GLU A 368 -12.58 28.81 18.40
C GLU A 368 -13.35 29.99 17.81
N VAL A 369 -14.65 29.80 17.60
CA VAL A 369 -15.54 30.84 17.11
C VAL A 369 -16.68 30.99 18.11
N GLY A 370 -16.76 32.14 18.76
CA GLY A 370 -17.85 32.44 19.65
C GLY A 370 -18.80 33.44 19.01
N PRO A 371 -20.02 33.54 19.54
CA PRO A 371 -20.96 34.54 19.02
C PRO A 371 -20.42 35.96 19.10
N ARG A 372 -19.71 36.29 20.17
CA ARG A 372 -19.07 37.60 20.27
C ARG A 372 -17.90 37.71 19.30
N ASP A 373 -17.15 36.63 19.12
CA ASP A 373 -16.05 36.63 18.15
C ASP A 373 -16.57 36.80 16.74
N MET A 374 -17.69 36.14 16.43
CA MET A 374 -18.27 36.25 15.08
C MET A 374 -18.77 37.66 14.81
N LYS A 375 -19.40 38.30 15.81
CA LYS A 375 -19.99 39.62 15.59
C LYS A 375 -18.92 40.67 15.36
N SER A 376 -17.79 40.57 16.07
CA SER A 376 -16.69 41.51 15.92
C SER A 376 -15.69 41.09 14.85
N CYS A 377 -15.99 40.03 14.09
CA CYS A 377 -15.16 39.55 12.99
C CYS A 377 -13.75 39.21 13.48
N GLN A 378 -13.68 38.22 14.37
CA GLN A 378 -12.42 37.73 14.91
C GLN A 378 -12.61 36.29 15.36
N PHE A 379 -11.50 35.65 15.70
CA PHE A 379 -11.53 34.30 16.26
C PHE A 379 -10.31 34.11 17.14
N VAL A 380 -10.27 32.98 17.84
CA VAL A 380 -9.19 32.64 18.76
C VAL A 380 -8.58 31.34 18.30
N ALA A 381 -7.31 31.39 17.88
CA ALA A 381 -6.56 30.22 17.46
C ALA A 381 -5.51 29.92 18.52
N VAL A 382 -5.57 28.73 19.11
CA VAL A 382 -4.67 28.32 20.17
C VAL A 382 -3.65 27.33 19.61
N ARG A 383 -2.41 27.42 20.11
CA ARG A 383 -1.33 26.57 19.66
C ARG A 383 -1.23 25.33 20.54
N ARG A 384 -1.21 24.15 19.91
CA ARG A 384 -1.15 22.92 20.67
C ARG A 384 0.20 22.74 21.36
N ASP A 385 1.28 23.22 20.74
CA ASP A 385 2.62 22.99 21.29
C ASP A 385 2.86 23.78 22.56
N THR A 386 2.25 24.96 22.69
CA THR A 386 2.49 25.83 23.83
C THR A 386 1.25 26.18 24.63
N GLY A 387 0.05 26.02 24.05
CA GLY A 387 -1.17 26.38 24.74
C GLY A 387 -1.53 27.85 24.68
N GLU A 388 -0.75 28.67 23.97
CA GLU A 388 -1.03 30.09 23.88
C GLU A 388 -2.26 30.34 23.01
N LYS A 389 -3.06 31.34 23.39
CA LYS A 389 -4.29 31.68 22.69
C LYS A 389 -4.07 32.97 21.90
N LEU A 390 -4.21 32.88 20.59
CA LEU A 390 -4.00 34.02 19.69
C LEU A 390 -5.33 34.49 19.12
N THR A 391 -5.57 35.79 19.19
CA THR A 391 -6.76 36.41 18.60
C THR A 391 -6.38 36.97 17.23
N VAL A 392 -7.06 36.50 16.19
CA VAL A 392 -6.77 36.87 14.81
C VAL A 392 -8.03 37.47 14.19
N ALA A 393 -7.84 38.54 13.42
CA ALA A 393 -8.95 39.13 12.67
C ALA A 393 -9.42 38.16 11.60
N GLU A 394 -10.66 38.38 11.13
CA GLU A 394 -11.26 37.45 10.18
C GLU A 394 -10.54 37.47 8.84
N ASN A 395 -10.20 38.65 8.33
CA ASN A 395 -9.56 38.76 7.03
C ASN A 395 -8.12 38.28 7.01
N GLU A 396 -7.56 37.90 8.17
CA GLU A 396 -6.20 37.37 8.24
C GLU A 396 -6.19 35.87 8.54
N ALA A 397 -7.30 35.19 8.30
CA ALA A 397 -7.39 33.78 8.68
C ALA A 397 -6.49 32.91 7.80
N GLU A 398 -6.37 33.24 6.52
CA GLU A 398 -5.58 32.41 5.61
C GLU A 398 -4.09 32.56 5.88
N THR A 399 -3.61 33.79 6.03
CA THR A 399 -2.18 34.02 6.13
C THR A 399 -1.65 33.78 7.54
N LYS A 400 -2.38 34.25 8.56
CA LYS A 400 -1.88 34.13 9.93
C LYS A 400 -1.85 32.67 10.38
N LEU A 401 -2.87 31.89 10.04
CA LEU A 401 -2.90 30.49 10.46
C LEU A 401 -1.78 29.70 9.79
N GLN A 402 -1.47 30.02 8.53
CA GLN A 402 -0.30 29.41 7.90
C GLN A 402 0.98 29.83 8.59
N ALA A 403 1.05 31.06 9.09
CA ALA A 403 2.21 31.50 9.85
C ALA A 403 2.32 30.77 11.18
N ILE A 404 1.18 30.53 11.83
CA ILE A 404 1.18 29.81 13.10
C ILE A 404 1.53 28.35 12.87
N LEU A 405 0.97 27.74 11.83
CA LEU A 405 1.31 26.35 11.52
C LEU A 405 2.78 26.21 11.17
N GLU A 406 3.30 27.14 10.37
CA GLU A 406 4.72 27.10 10.02
C GLU A 406 5.60 27.29 11.25
N ASP A 407 5.14 28.08 12.22
CA ASP A 407 5.94 28.33 13.42
C ASP A 407 5.84 27.17 14.40
N ILE A 408 4.72 26.46 14.43
CA ILE A 408 4.62 25.27 15.26
C ILE A 408 5.58 24.19 14.77
N GLN A 409 5.78 24.12 13.45
CA GLN A 409 6.72 23.15 12.90
C GLN A 409 8.15 23.45 13.33
N VAL A 410 8.56 24.71 13.28
CA VAL A 410 9.92 25.06 13.64
C VAL A 410 10.11 25.06 15.15
N THR A 411 9.04 25.28 15.91
CA THR A 411 9.15 25.25 17.37
C THR A 411 9.38 23.83 17.87
N LEU A 412 8.65 22.85 17.33
CA LEU A 412 8.83 21.47 17.75
C LEU A 412 10.22 20.95 17.40
N PHE A 413 10.74 21.34 16.23
CA PHE A 413 12.06 20.88 15.83
C PHE A 413 13.16 21.53 16.66
N THR A 414 13.07 22.84 16.88
CA THR A 414 14.09 23.52 17.66
C THR A 414 14.07 23.07 19.11
N ARG A 415 12.88 22.81 19.66
CA ARG A 415 12.79 22.25 21.00
C ARG A 415 13.42 20.86 21.06
N ALA A 416 13.21 20.05 20.02
CA ALA A 416 13.81 18.73 19.99
C ALA A 416 15.32 18.83 19.73
N SER A 417 15.72 19.74 18.86
CA SER A 417 17.15 19.92 18.58
C SER A 417 17.90 20.42 19.80
N GLU A 418 17.23 21.18 20.67
CA GLU A 418 17.89 21.66 21.87
C GLU A 418 18.18 20.52 22.85
N ASP A 419 17.26 19.56 22.94
CA ASP A 419 17.48 18.41 23.82
C ASP A 419 18.46 17.41 23.26
N LEU A 420 18.64 17.36 21.93
CA LEU A 420 19.66 16.51 21.35
C LEU A 420 21.05 17.08 21.58
N LYS A 421 21.22 18.39 21.38
CA LYS A 421 22.52 19.02 21.57
C LYS A 421 22.92 19.08 23.05
N THR A 422 21.97 19.00 23.96
CA THR A 422 22.29 19.04 25.39
C THR A 422 22.45 17.65 26.01
N HIS A 423 21.98 16.60 25.33
CA HIS A 423 22.08 15.25 25.85
C HIS A 423 23.03 14.36 25.06
N MET A 424 23.71 14.90 24.05
CA MET A 424 24.72 14.17 23.29
C MET A 424 26.06 14.86 23.52
N VAL A 425 26.87 14.29 24.43
CA VAL A 425 28.14 14.88 24.82
C VAL A 425 29.24 13.83 24.62
N VAL A 426 30.48 14.30 24.61
CA VAL A 426 31.65 13.47 24.34
C VAL A 426 32.35 13.14 25.65
N ALA A 427 32.77 11.88 25.78
CA ALA A 427 33.62 11.45 26.88
C ALA A 427 34.75 10.60 26.33
N ASN A 428 35.90 10.63 27.02
CA ASN A 428 37.08 9.93 26.55
C ASN A 428 37.51 8.76 27.44
N THR A 429 36.99 8.66 28.66
CA THR A 429 37.32 7.57 29.56
C THR A 429 36.09 6.73 29.84
N MET A 430 36.33 5.52 30.35
CA MET A 430 35.24 4.62 30.69
C MET A 430 34.46 5.11 31.90
N GLU A 431 35.15 5.75 32.86
CA GLU A 431 34.47 6.26 34.04
C GLU A 431 33.57 7.44 33.70
N ASP A 432 34.07 8.37 32.87
CA ASP A 432 33.23 9.48 32.44
C ASP A 432 32.07 9.01 31.58
N PHE A 433 32.29 7.96 30.78
CA PHE A 433 31.20 7.42 29.96
C PHE A 433 30.09 6.86 30.82
N GLN A 434 30.43 6.22 31.94
CA GLN A 434 29.41 5.61 32.79
C GLN A 434 28.64 6.66 33.58
N LYS A 435 29.34 7.65 34.14
CA LYS A 435 28.67 8.66 34.95
C LYS A 435 27.77 9.55 34.11
N ILE A 436 28.16 9.83 32.87
CA ILE A 436 27.34 10.67 32.01
C ILE A 436 26.17 9.89 31.42
N LEU A 437 26.39 8.63 31.05
CA LEU A 437 25.33 7.83 30.44
C LEU A 437 24.17 7.62 31.40
N ASP A 438 24.48 7.37 32.68
CA ASP A 438 23.44 7.07 33.67
C ASP A 438 22.69 8.32 34.14
N SER A 439 22.93 9.48 33.53
CA SER A 439 22.16 10.68 33.78
C SER A 439 21.11 10.92 32.71
N GLY A 440 20.80 9.91 31.91
CA GLY A 440 19.84 10.05 30.83
C GLY A 440 20.39 10.60 29.54
N LYS A 441 21.70 10.50 29.32
CA LYS A 441 22.34 11.06 28.13
C LYS A 441 22.84 9.94 27.22
N ILE A 442 23.25 10.34 26.02
CA ILE A 442 23.96 9.49 25.08
C ILE A 442 25.34 10.09 24.87
N VAL A 443 26.35 9.21 24.76
CA VAL A 443 27.75 9.63 24.79
C VAL A 443 28.46 9.12 23.54
N GLN A 444 29.35 9.96 23.01
CA GLN A 444 30.28 9.57 21.96
C GLN A 444 31.63 9.28 22.62
N ILE A 445 32.11 8.06 22.46
CA ILE A 445 33.34 7.61 23.10
C ILE A 445 34.28 7.12 22.01
N PRO A 446 35.59 7.14 22.27
CA PRO A 446 36.55 6.50 21.35
C PRO A 446 36.42 4.99 21.43
N PHE A 447 36.09 4.36 20.32
CA PHE A 447 35.78 2.94 20.27
C PHE A 447 36.77 2.23 19.36
N CYS A 448 37.15 1.00 19.75
CA CYS A 448 38.09 0.22 18.96
C CYS A 448 37.40 -0.53 17.84
N GLY A 449 36.13 -0.89 18.01
CA GLY A 449 35.36 -1.57 16.99
C GLY A 449 35.25 -3.06 17.17
N GLU A 450 36.08 -3.66 18.01
CA GLU A 450 36.05 -5.11 18.23
C GLU A 450 34.68 -5.53 18.75
N ILE A 451 34.20 -6.68 18.26
CA ILE A 451 32.88 -7.16 18.66
C ILE A 451 32.88 -7.58 20.12
N ASP A 452 33.86 -8.38 20.52
CA ASP A 452 33.95 -8.82 21.91
C ASP A 452 34.22 -7.65 22.86
N CYS A 453 34.75 -6.54 22.36
CA CYS A 453 34.84 -5.33 23.18
C CYS A 453 33.49 -4.63 23.30
N GLU A 454 32.66 -4.72 22.27
CA GLU A 454 31.31 -4.16 22.35
C GLU A 454 30.44 -4.98 23.29
N ASP A 455 30.66 -6.29 23.36
CA ASP A 455 29.95 -7.11 24.35
C ASP A 455 30.35 -6.72 25.76
N TRP A 456 31.64 -6.40 25.97
CA TRP A 456 32.11 -6.03 27.31
C TRP A 456 31.60 -4.66 27.73
N ILE A 457 31.41 -3.74 26.78
CA ILE A 457 30.84 -2.43 27.10
C ILE A 457 29.40 -2.59 27.57
N LYS A 458 28.64 -3.46 26.91
CA LYS A 458 27.26 -3.69 27.33
C LYS A 458 27.18 -4.30 28.72
N LYS A 459 28.19 -5.09 29.10
CA LYS A 459 28.16 -5.75 30.41
C LYS A 459 28.55 -4.80 31.54
N THR A 460 29.60 -3.99 31.33
CA THR A 460 30.06 -3.11 32.39
C THR A 460 29.07 -1.97 32.65
N THR A 461 28.48 -1.42 31.59
CA THR A 461 27.50 -0.36 31.76
C THR A 461 26.21 -0.84 32.42
N ALA A 462 25.90 -2.14 32.31
CA ALA A 462 24.71 -2.68 32.97
C ALA A 462 24.98 -3.01 34.43
N ARG A 463 26.16 -3.56 34.73
CA ARG A 463 26.48 -3.94 36.09
C ARG A 463 26.71 -2.72 36.97
N ASP A 464 27.67 -1.86 36.58
CA ASP A 464 28.01 -0.67 37.36
C ASP A 464 27.06 0.49 37.11
N GLN A 465 25.75 0.22 37.03
CA GLN A 465 24.75 1.25 36.74
C GLN A 465 24.35 1.91 38.05
N ASP A 466 24.93 3.08 38.31
CA ASP A 466 24.58 3.84 39.50
C ASP A 466 23.70 5.01 39.09
N LEU A 467 22.52 4.72 38.56
CA LEU A 467 21.65 5.73 37.97
C LEU A 467 20.54 6.06 38.98
N GLU A 468 19.27 6.09 38.58
CA GLU A 468 18.18 6.43 39.50
C GLU A 468 17.19 5.27 39.61
N SER A 473 16.86 -1.91 34.29
CA SER A 473 18.29 -2.15 34.11
C SER A 473 18.62 -2.61 32.71
N MET A 474 19.58 -1.93 32.07
CA MET A 474 20.07 -2.30 30.76
C MET A 474 21.40 -1.61 30.52
N GLY A 475 22.25 -2.24 29.70
CA GLY A 475 23.55 -1.70 29.39
C GLY A 475 23.54 -0.81 28.16
N ALA A 476 24.71 -0.22 27.89
CA ALA A 476 24.87 0.65 26.74
C ALA A 476 25.07 -0.17 25.48
N LYS A 477 24.38 0.21 24.42
CA LYS A 477 24.51 -0.44 23.12
C LYS A 477 25.07 0.55 22.11
N SER A 478 25.75 0.01 21.10
CA SER A 478 26.26 0.83 20.01
C SER A 478 25.10 1.41 19.21
N LEU A 479 25.09 2.73 19.04
CA LEU A 479 24.04 3.38 18.26
C LEU A 479 24.47 3.58 16.81
N CYS A 480 25.56 4.29 16.60
CA CYS A 480 26.09 4.51 15.26
C CYS A 480 27.50 5.07 15.37
N ILE A 481 28.20 5.06 14.24
CA ILE A 481 29.49 5.73 14.10
C ILE A 481 29.23 7.02 13.32
N PRO A 482 29.17 8.16 13.99
CA PRO A 482 28.72 9.39 13.31
C PRO A 482 29.63 9.79 12.16
N PHE A 483 29.02 10.24 11.07
CA PHE A 483 29.79 10.79 9.95
C PHE A 483 30.54 12.04 10.37
N LYS A 484 29.87 12.94 11.10
CA LYS A 484 30.46 14.18 11.59
C LYS A 484 30.37 14.18 13.11
N PRO A 485 31.33 13.58 13.81
CA PRO A 485 31.30 13.60 15.27
C PRO A 485 31.55 15.00 15.81
N LEU A 486 31.24 15.17 17.10
CA LEU A 486 31.40 16.48 17.73
C LEU A 486 32.86 16.93 17.74
N CYS A 487 33.78 15.99 17.86
CA CYS A 487 35.21 16.31 17.82
C CYS A 487 35.95 15.21 17.07
N GLU A 488 36.98 15.60 16.34
CA GLU A 488 37.78 14.63 15.60
C GLU A 488 38.64 13.80 16.55
N LEU A 489 38.84 12.55 16.20
CA LEU A 489 39.62 11.64 17.03
C LEU A 489 41.09 12.00 16.98
N GLN A 490 41.76 11.86 18.13
CA GLN A 490 43.17 12.20 18.24
C GLN A 490 44.04 11.08 17.70
N PRO A 491 45.20 11.40 17.13
CA PRO A 491 46.11 10.36 16.63
C PRO A 491 46.64 9.49 17.77
N GLY A 492 46.63 8.18 17.57
CA GLY A 492 47.09 7.25 18.57
C GLY A 492 46.19 7.13 19.79
N ALA A 493 44.96 7.63 19.72
CA ALA A 493 44.05 7.55 20.86
C ALA A 493 43.60 6.12 21.08
N LYS A 494 43.53 5.73 22.35
CA LYS A 494 43.11 4.39 22.74
C LYS A 494 41.62 4.35 23.05
N CYS A 495 41.02 3.18 22.87
CA CYS A 495 39.60 3.00 23.16
C CYS A 495 39.35 2.98 24.66
N VAL A 496 38.08 2.96 25.04
CA VAL A 496 37.70 2.90 26.44
C VAL A 496 38.05 1.56 27.08
N CYS A 497 38.49 0.58 26.30
CA CYS A 497 38.95 -0.68 26.85
C CYS A 497 40.42 -0.64 27.26
N GLY A 498 41.18 0.32 26.73
CA GLY A 498 42.55 0.46 27.17
C GLY A 498 43.53 -0.35 26.35
N LYS A 499 43.11 -1.54 25.92
CA LYS A 499 44.02 -2.44 25.20
C LYS A 499 44.13 -2.05 23.73
N ASN A 500 43.08 -2.30 22.96
CA ASN A 500 43.11 -2.02 21.53
C ASN A 500 43.08 -0.52 21.27
N PRO A 501 43.70 -0.05 20.19
CA PRO A 501 43.60 1.36 19.82
C PRO A 501 42.21 1.67 19.27
N ALA A 502 41.87 2.96 19.31
CA ALA A 502 40.56 3.42 18.88
C ALA A 502 40.56 3.73 17.39
N LYS A 503 39.48 3.35 16.71
CA LYS A 503 39.33 3.61 15.28
C LYS A 503 38.46 4.82 14.99
N TYR A 504 37.51 5.15 15.86
CA TYR A 504 36.55 6.21 15.58
C TYR A 504 35.78 6.53 16.85
N TYR A 505 35.16 7.70 16.87
CA TYR A 505 34.18 8.04 17.90
C TYR A 505 32.86 7.33 17.57
N THR A 506 32.33 6.61 18.55
CA THR A 506 31.09 5.86 18.37
C THR A 506 30.04 6.37 19.35
N LEU A 507 28.86 6.68 18.84
CA LEU A 507 27.74 7.10 19.67
C LEU A 507 27.20 5.90 20.44
N PHE A 508 27.28 5.95 21.77
CA PHE A 508 26.79 4.89 22.62
C PHE A 508 25.63 5.39 23.49
N GLY A 509 24.88 4.44 24.00
CA GLY A 509 23.73 4.76 24.84
C GLY A 509 22.73 3.63 24.83
N ARG A 510 21.87 3.63 25.84
CA ARG A 510 20.81 2.64 25.93
C ARG A 510 19.81 2.85 24.81
N SER A 511 19.39 1.76 24.18
CA SER A 511 18.58 1.82 22.98
C SER A 511 17.30 1.00 23.16
N TYR A 512 16.37 1.21 22.25
CA TYR A 512 15.11 0.47 22.25
C TYR A 512 15.23 -0.82 21.43
N GLY B 15 9.16 -9.98 -29.23
CA GLY B 15 7.86 -10.26 -29.82
C GLY B 15 7.21 -11.50 -29.25
N LEU B 16 5.89 -11.57 -29.31
CA LEU B 16 5.16 -12.69 -28.75
C LEU B 16 5.43 -13.97 -29.54
N GLU B 17 5.18 -15.11 -28.88
CA GLU B 17 5.18 -16.40 -29.57
C GLU B 17 3.78 -16.93 -29.77
N ALA B 18 3.26 -17.60 -28.75
CA ALA B 18 1.98 -18.29 -28.84
C ALA B 18 0.88 -17.32 -29.24
N LYS B 19 -0.13 -17.86 -29.91
CA LYS B 19 -1.27 -17.10 -30.41
C LYS B 19 -2.42 -17.15 -29.41
N LYS B 20 -3.28 -16.12 -29.45
CA LYS B 20 -4.42 -16.06 -28.55
C LYS B 20 -5.50 -17.05 -28.96
N GLU B 21 -5.78 -17.16 -30.26
CA GLU B 21 -6.80 -18.09 -30.73
C GLU B 21 -6.37 -19.55 -30.52
N GLU B 22 -5.07 -19.82 -30.53
CA GLU B 22 -4.58 -21.17 -30.29
C GLU B 22 -4.57 -21.46 -28.79
N ASN B 23 -3.38 -21.65 -28.22
CA ASN B 23 -3.24 -21.92 -26.79
C ASN B 23 -3.35 -20.59 -26.05
N LEU B 24 -4.54 -20.30 -25.52
CA LEU B 24 -4.75 -19.05 -24.79
C LEU B 24 -3.89 -18.99 -23.53
N ALA B 25 -3.65 -20.14 -22.89
CA ALA B 25 -2.88 -20.15 -21.65
C ALA B 25 -1.47 -19.63 -21.86
N ASP B 26 -0.76 -20.19 -22.85
CA ASP B 26 0.60 -19.73 -23.12
C ASP B 26 0.61 -18.32 -23.71
N TRP B 27 -0.42 -17.95 -24.47
CA TRP B 27 -0.53 -16.58 -24.94
C TRP B 27 -0.67 -15.61 -23.79
N TYR B 28 -1.51 -15.94 -22.81
CA TYR B 28 -1.69 -15.07 -21.65
C TYR B 28 -0.40 -14.96 -20.85
N SER B 29 0.37 -16.06 -20.77
CA SER B 29 1.64 -16.02 -20.06
C SER B 29 2.69 -15.22 -20.83
N GLN B 30 2.61 -15.20 -22.15
CA GLN B 30 3.57 -14.45 -22.95
C GLN B 30 3.28 -12.94 -22.93
N VAL B 31 2.01 -12.55 -22.87
CA VAL B 31 1.68 -11.13 -22.86
C VAL B 31 2.09 -10.49 -21.54
N ILE B 32 1.83 -11.17 -20.43
CA ILE B 32 2.11 -10.57 -19.12
C ILE B 32 3.60 -10.50 -18.85
N THR B 33 4.39 -11.38 -19.47
CA THR B 33 5.83 -11.39 -19.25
C THR B 33 6.56 -10.46 -20.19
N LYS B 34 6.18 -10.44 -21.48
CA LYS B 34 6.88 -9.60 -22.45
C LYS B 34 6.44 -8.15 -22.40
N SER B 35 5.26 -7.87 -21.84
CA SER B 35 4.91 -6.49 -21.50
C SER B 35 5.56 -6.03 -20.21
N GLU B 36 6.31 -6.92 -19.55
CA GLU B 36 6.99 -6.62 -18.29
C GLU B 36 5.99 -6.23 -17.19
N MET B 37 4.90 -6.98 -17.11
CA MET B 37 3.91 -6.84 -16.05
C MET B 37 4.06 -7.87 -14.95
N ILE B 38 4.29 -9.13 -15.31
CA ILE B 38 4.30 -10.24 -14.37
C ILE B 38 5.61 -10.99 -14.49
N GLU B 39 6.23 -11.28 -13.35
CA GLU B 39 7.35 -12.20 -13.28
C GLU B 39 6.97 -13.35 -12.35
N TYR B 40 7.44 -14.56 -12.69
CA TYR B 40 7.05 -15.73 -11.93
C TYR B 40 7.88 -15.85 -10.65
N HIS B 41 7.47 -16.79 -9.81
CA HIS B 41 8.07 -17.01 -8.50
C HIS B 41 8.09 -18.50 -8.22
N ASP B 42 9.09 -18.94 -7.44
CA ASP B 42 9.24 -20.36 -7.17
C ASP B 42 8.13 -20.92 -6.29
N ILE B 43 7.29 -20.08 -5.72
CA ILE B 43 6.09 -20.51 -5.02
C ILE B 43 4.93 -20.43 -5.99
N SER B 44 4.30 -21.57 -6.27
CA SER B 44 3.20 -21.63 -7.23
C SER B 44 2.02 -20.81 -6.72
N GLY B 45 1.37 -20.11 -7.65
CA GLY B 45 0.24 -19.26 -7.30
C GLY B 45 0.60 -17.84 -6.93
N CYS B 46 1.87 -17.58 -6.61
CA CYS B 46 2.34 -16.25 -6.25
C CYS B 46 3.12 -15.66 -7.41
N TYR B 47 2.85 -14.39 -7.74
CA TYR B 47 3.46 -13.76 -8.89
C TYR B 47 3.95 -12.36 -8.52
N ILE B 48 4.83 -11.83 -9.35
CA ILE B 48 5.50 -10.55 -9.09
C ILE B 48 4.81 -9.47 -9.91
N LEU B 49 4.41 -8.39 -9.25
CA LEU B 49 3.81 -7.24 -9.91
C LEU B 49 4.92 -6.24 -10.26
N ARG B 50 5.28 -6.18 -11.54
CA ARG B 50 6.31 -5.27 -12.00
C ARG B 50 5.72 -3.88 -12.21
N PRO B 51 6.57 -2.83 -12.20
CA PRO B 51 6.05 -1.45 -12.26
C PRO B 51 5.04 -1.19 -13.36
N TRP B 52 5.15 -1.86 -14.51
CA TRP B 52 4.19 -1.62 -15.58
C TRP B 52 2.80 -2.10 -15.19
N ALA B 53 2.72 -3.23 -14.48
CA ALA B 53 1.45 -3.70 -13.95
C ALA B 53 1.04 -2.93 -12.70
N TYR B 54 2.00 -2.51 -11.89
CA TYR B 54 1.67 -1.80 -10.65
C TYR B 54 1.12 -0.41 -10.92
N ALA B 55 1.53 0.21 -12.03
CA ALA B 55 0.99 1.53 -12.37
C ALA B 55 -0.50 1.47 -12.68
N ILE B 56 -0.97 0.36 -13.24
CA ILE B 56 -2.40 0.22 -13.51
C ILE B 56 -3.18 0.09 -12.20
N TRP B 57 -2.68 -0.74 -11.27
CA TRP B 57 -3.33 -0.88 -9.98
C TRP B 57 -3.33 0.42 -9.20
N GLU B 58 -2.29 1.25 -9.38
CA GLU B 58 -2.28 2.56 -8.75
C GLU B 58 -3.27 3.51 -9.42
N ALA B 59 -3.45 3.39 -10.74
CA ALA B 59 -4.45 4.19 -11.42
C ALA B 59 -5.85 3.81 -10.97
N ILE B 60 -6.08 2.52 -10.70
CA ILE B 60 -7.34 2.08 -10.13
C ILE B 60 -7.45 2.51 -8.67
N LYS B 61 -6.32 2.48 -7.94
CA LYS B 61 -6.34 2.85 -6.53
C LYS B 61 -6.70 4.31 -6.36
N ASP B 62 -6.08 5.20 -7.14
CA ASP B 62 -6.34 6.63 -6.99
C ASP B 62 -7.78 6.99 -7.36
N PHE B 63 -8.37 6.28 -8.32
CA PHE B 63 -9.77 6.54 -8.66
C PHE B 63 -10.71 6.04 -7.57
N PHE B 64 -10.49 4.82 -7.10
CA PHE B 64 -11.40 4.24 -6.10
C PHE B 64 -11.23 4.92 -4.75
N ASP B 65 -9.99 5.26 -4.37
CA ASP B 65 -9.77 5.92 -3.09
C ASP B 65 -10.44 7.29 -3.05
N ALA B 66 -10.38 8.03 -4.16
CA ALA B 66 -10.99 9.36 -4.19
C ALA B 66 -12.51 9.28 -4.16
N GLU B 67 -13.09 8.25 -4.76
CA GLU B 67 -14.55 8.15 -4.79
C GLU B 67 -15.12 7.68 -3.45
N ILE B 68 -14.45 6.74 -2.79
CA ILE B 68 -14.98 6.25 -1.52
C ILE B 68 -14.75 7.26 -0.39
N LYS B 69 -13.71 8.10 -0.51
CA LYS B 69 -13.51 9.14 0.48
C LYS B 69 -14.65 10.16 0.45
N LYS B 70 -15.30 10.33 -0.71
CA LYS B 70 -16.49 11.15 -0.77
C LYS B 70 -17.62 10.54 0.06
N LEU B 71 -17.70 9.22 0.08
CA LEU B 71 -18.73 8.50 0.82
C LEU B 71 -18.44 8.44 2.32
N GLY B 72 -17.38 9.09 2.79
CA GLY B 72 -17.01 9.05 4.19
C GLY B 72 -16.14 7.90 4.59
N VAL B 73 -15.59 7.16 3.63
CA VAL B 73 -14.73 6.01 3.93
C VAL B 73 -13.32 6.49 4.20
N GLU B 74 -12.70 5.95 5.24
CA GLU B 74 -11.36 6.30 5.64
C GLU B 74 -10.44 5.08 5.56
N ASN B 75 -9.17 5.33 5.25
CA ASN B 75 -8.20 4.26 5.08
C ASN B 75 -7.54 3.92 6.41
N CYS B 76 -7.11 2.66 6.53
CA CYS B 76 -6.53 2.13 7.76
C CYS B 76 -5.73 0.89 7.43
N TYR B 77 -5.32 0.16 8.46
CA TYR B 77 -4.65 -1.12 8.26
C TYR B 77 -4.80 -1.94 9.53
N PHE B 78 -5.23 -3.19 9.36
CA PHE B 78 -5.43 -4.13 10.46
C PHE B 78 -4.40 -5.25 10.40
N PRO B 79 -4.11 -5.91 11.52
CA PRO B 79 -3.15 -7.01 11.52
C PRO B 79 -3.56 -8.13 10.56
N MET B 80 -2.55 -8.89 10.14
CA MET B 80 -2.75 -9.97 9.17
C MET B 80 -2.89 -11.34 9.82
N PHE B 81 -2.74 -11.45 11.13
CA PHE B 81 -2.84 -12.72 11.83
C PHE B 81 -4.18 -12.81 12.54
N VAL B 82 -4.86 -13.95 12.36
CA VAL B 82 -6.16 -14.21 12.97
C VAL B 82 -5.98 -15.28 14.04
N SER B 83 -6.45 -14.99 15.24
CA SER B 83 -6.46 -16.01 16.28
C SER B 83 -7.47 -17.10 15.94
N GLN B 84 -7.19 -18.32 16.40
CA GLN B 84 -8.17 -19.39 16.22
C GLN B 84 -9.41 -19.16 17.06
N SER B 85 -9.35 -18.25 18.03
CA SER B 85 -10.53 -17.93 18.81
C SER B 85 -11.49 -17.05 18.02
N ALA B 86 -10.95 -16.20 17.15
CA ALA B 86 -11.79 -15.26 16.43
C ALA B 86 -12.37 -15.87 15.16
N LEU B 87 -11.72 -16.89 14.62
CA LEU B 87 -12.21 -17.53 13.40
C LEU B 87 -13.55 -18.24 13.65
N GLU B 88 -13.63 -19.01 14.74
CA GLU B 88 -14.81 -19.78 15.06
C GLU B 88 -15.95 -18.94 15.61
N LYS B 89 -15.83 -17.61 15.62
CA LYS B 89 -16.92 -16.77 16.09
C LYS B 89 -18.13 -16.89 15.16
N GLU B 90 -17.91 -16.74 13.86
CA GLU B 90 -18.93 -16.97 12.85
C GLU B 90 -18.67 -18.34 12.23
N LYS B 91 -19.50 -19.32 12.61
CA LYS B 91 -19.24 -20.70 12.18
C LYS B 91 -19.46 -20.87 10.68
N THR B 92 -20.53 -20.27 10.14
CA THR B 92 -20.79 -20.38 8.71
C THR B 92 -19.72 -19.67 7.89
N HIS B 93 -19.23 -18.53 8.39
CA HIS B 93 -18.20 -17.79 7.67
C HIS B 93 -16.87 -18.53 7.69
N VAL B 94 -16.54 -19.18 8.81
CA VAL B 94 -15.28 -19.90 8.91
C VAL B 94 -15.34 -21.26 8.23
N ALA B 95 -16.54 -21.80 7.99
CA ALA B 95 -16.65 -23.11 7.35
C ALA B 95 -16.35 -23.03 5.86
N ASP B 96 -16.75 -21.94 5.21
CA ASP B 96 -16.50 -21.78 3.77
C ASP B 96 -15.06 -21.40 3.47
N PHE B 97 -14.36 -20.76 4.40
CA PHE B 97 -12.98 -20.34 4.19
C PHE B 97 -11.96 -21.28 4.82
N ALA B 98 -12.41 -22.29 5.58
CA ALA B 98 -11.50 -23.17 6.30
C ALA B 98 -10.44 -23.83 5.42
N PRO B 99 -10.76 -24.46 4.29
CA PRO B 99 -9.72 -25.19 3.55
C PRO B 99 -8.65 -24.32 2.93
N GLU B 100 -8.91 -23.03 2.71
CA GLU B 100 -7.98 -22.14 2.03
C GLU B 100 -7.39 -21.09 2.97
N VAL B 101 -7.20 -21.45 4.25
CA VAL B 101 -6.58 -20.58 5.24
C VAL B 101 -5.18 -21.11 5.51
N ALA B 102 -4.17 -20.32 5.15
CA ALA B 102 -2.78 -20.68 5.42
C ALA B 102 -2.46 -20.42 6.89
N TRP B 103 -1.91 -21.43 7.55
CA TRP B 103 -1.66 -21.38 8.98
C TRP B 103 -0.16 -21.28 9.26
N VAL B 104 0.20 -20.36 10.15
CA VAL B 104 1.57 -20.25 10.64
C VAL B 104 1.71 -21.22 11.82
N THR B 105 2.66 -22.16 11.71
CA THR B 105 2.82 -23.20 12.71
C THR B 105 4.18 -23.24 13.37
N ARG B 106 5.15 -22.46 12.89
CA ARG B 106 6.51 -22.54 13.41
C ARG B 106 7.14 -21.16 13.45
N SER B 107 7.84 -20.88 14.54
CA SER B 107 8.62 -19.65 14.70
C SER B 107 10.08 -20.01 14.50
N GLY B 108 10.59 -19.74 13.29
CA GLY B 108 11.96 -20.11 12.97
C GLY B 108 12.10 -21.56 12.62
N LYS B 109 12.24 -22.41 13.65
CA LYS B 109 12.40 -23.84 13.43
C LYS B 109 11.66 -24.72 14.43
N THR B 110 11.16 -24.18 15.54
CA THR B 110 10.39 -24.94 16.51
C THR B 110 8.91 -24.65 16.33
N GLU B 111 8.09 -25.64 16.66
CA GLU B 111 6.65 -25.54 16.43
C GLU B 111 5.99 -24.62 17.45
N LEU B 112 5.10 -23.76 16.96
CA LEU B 112 4.34 -22.89 17.84
C LEU B 112 3.39 -23.71 18.70
N ALA B 113 3.25 -23.30 19.96
CA ALA B 113 2.29 -23.98 20.84
C ALA B 113 0.86 -23.80 20.36
N GLU B 114 0.56 -22.66 19.75
CA GLU B 114 -0.76 -22.39 19.19
C GLU B 114 -0.60 -21.77 17.81
N PRO B 115 -1.01 -22.46 16.75
CA PRO B 115 -0.87 -21.89 15.40
C PRO B 115 -1.77 -20.69 15.20
N ILE B 116 -1.32 -19.77 14.34
CA ILE B 116 -2.07 -18.58 13.97
C ILE B 116 -2.28 -18.60 12.46
N ALA B 117 -3.36 -17.97 12.03
CA ALA B 117 -3.80 -18.03 10.65
C ALA B 117 -3.55 -16.72 9.93
N ILE B 118 -3.23 -16.83 8.64
CA ILE B 118 -3.12 -15.67 7.77
C ILE B 118 -4.50 -15.39 7.17
N ARG B 119 -4.92 -14.13 7.21
CA ARG B 119 -6.27 -13.77 6.86
C ARG B 119 -6.56 -14.00 5.38
N PRO B 120 -7.55 -14.81 5.02
CA PRO B 120 -8.10 -14.72 3.66
C PRO B 120 -9.04 -13.54 3.51
N THR B 121 -9.58 -13.05 4.62
CA THR B 121 -10.40 -11.86 4.71
C THR B 121 -10.41 -11.45 6.17
N SER B 122 -10.46 -10.16 6.42
CA SER B 122 -10.28 -9.63 7.77
C SER B 122 -11.60 -9.22 8.42
N GLU B 123 -12.68 -9.98 8.19
CA GLU B 123 -13.91 -9.73 8.94
C GLU B 123 -13.70 -10.00 10.43
N THR B 124 -13.10 -11.14 10.75
CA THR B 124 -12.84 -11.52 12.14
C THR B 124 -11.63 -10.81 12.73
N VAL B 125 -10.94 -9.98 11.96
CA VAL B 125 -9.86 -9.16 12.50
C VAL B 125 -10.37 -7.80 12.93
N MET B 126 -11.22 -7.19 12.11
CA MET B 126 -11.71 -5.83 12.36
C MET B 126 -12.91 -5.80 13.28
N TYR B 127 -13.86 -6.73 13.11
CA TYR B 127 -15.10 -6.66 13.86
C TYR B 127 -14.93 -6.83 15.37
N PRO B 128 -13.96 -7.60 15.88
CA PRO B 128 -13.69 -7.52 17.32
C PRO B 128 -13.35 -6.12 17.78
N ALA B 129 -12.63 -5.34 16.97
CA ALA B 129 -12.38 -3.94 17.29
C ALA B 129 -13.62 -3.09 17.07
N TYR B 130 -14.45 -3.43 16.08
CA TYR B 130 -15.68 -2.69 15.85
C TYR B 130 -16.60 -2.74 17.07
N ALA B 131 -16.58 -3.85 17.82
CA ALA B 131 -17.41 -3.95 19.00
C ALA B 131 -16.93 -3.03 20.12
N LYS B 132 -15.62 -2.80 20.23
CA LYS B 132 -15.10 -1.90 21.24
C LYS B 132 -15.41 -0.45 20.92
N TRP B 133 -15.40 -0.09 19.63
CA TRP B 133 -15.56 1.31 19.24
C TRP B 133 -17.02 1.73 19.19
N VAL B 134 -17.93 0.80 18.89
CA VAL B 134 -19.35 1.11 18.75
C VAL B 134 -20.01 0.97 20.12
N GLN B 135 -20.41 2.09 20.71
CA GLN B 135 -21.09 2.08 22.00
C GLN B 135 -22.40 2.85 21.92
N SER B 136 -22.46 3.85 21.04
CA SER B 136 -23.60 4.74 20.92
C SER B 136 -23.97 4.91 19.45
N HIS B 137 -25.13 5.53 19.22
CA HIS B 137 -25.54 5.85 17.86
C HIS B 137 -24.63 6.87 17.21
N ARG B 138 -24.00 7.73 18.02
CA ARG B 138 -23.09 8.74 17.49
C ARG B 138 -21.83 8.14 16.89
N ASP B 139 -21.49 6.91 17.26
CA ASP B 139 -20.30 6.23 16.76
C ASP B 139 -20.51 5.59 15.39
N LEU B 140 -21.66 5.80 14.77
CA LEU B 140 -22.01 5.23 13.48
C LEU B 140 -22.31 6.33 12.47
N PRO B 141 -22.11 6.08 11.17
CA PRO B 141 -21.57 4.84 10.60
C PRO B 141 -20.05 4.78 10.53
N ILE B 142 -19.48 3.61 10.85
CA ILE B 142 -18.06 3.38 10.68
C ILE B 142 -17.81 2.94 9.24
N LYS B 143 -16.88 3.59 8.56
CA LYS B 143 -16.53 3.27 7.18
C LYS B 143 -15.01 3.19 7.07
N LEU B 144 -14.47 1.98 7.14
CA LEU B 144 -13.03 1.74 7.07
C LEU B 144 -12.70 0.90 5.85
N ASN B 145 -11.55 1.19 5.24
CA ASN B 145 -11.06 0.46 4.08
C ASN B 145 -9.56 0.35 4.19
N GLN B 146 -9.01 -0.75 3.65
CA GLN B 146 -7.57 -0.95 3.66
C GLN B 146 -7.13 -1.56 2.34
N TRP B 147 -6.00 -1.08 1.82
CA TRP B 147 -5.34 -1.66 0.66
C TRP B 147 -4.24 -2.58 1.18
N CYS B 148 -4.43 -3.88 1.02
CA CYS B 148 -3.50 -4.85 1.59
C CYS B 148 -3.50 -6.11 0.72
N ASN B 149 -2.84 -7.14 1.21
CA ASN B 149 -2.77 -8.43 0.54
C ASN B 149 -3.44 -9.48 1.40
N VAL B 150 -4.01 -10.50 0.74
CA VAL B 150 -4.66 -11.61 1.43
C VAL B 150 -4.23 -12.91 0.77
N VAL B 151 -4.34 -14.00 1.53
CA VAL B 151 -3.86 -15.31 1.11
C VAL B 151 -5.04 -16.27 1.14
N ARG B 152 -5.42 -16.78 -0.04
CA ARG B 152 -6.45 -17.80 -0.18
C ARG B 152 -5.81 -18.96 -0.94
N TRP B 153 -5.46 -20.02 -0.20
CA TRP B 153 -4.66 -21.12 -0.77
C TRP B 153 -5.61 -22.14 -1.41
N GLU B 154 -6.11 -21.77 -2.59
CA GLU B 154 -6.89 -22.71 -3.39
C GLU B 154 -5.96 -23.68 -4.10
N PHE B 155 -6.26 -24.97 -3.99
CA PHE B 155 -5.44 -25.98 -4.65
C PHE B 155 -5.80 -26.18 -6.12
N LYS B 156 -6.63 -25.31 -6.69
CA LYS B 156 -6.82 -25.28 -8.13
C LYS B 156 -5.54 -24.83 -8.80
N HIS B 157 -5.43 -25.12 -10.09
CA HIS B 157 -4.26 -24.68 -10.85
C HIS B 157 -4.35 -23.17 -11.08
N PRO B 158 -3.43 -22.37 -10.53
CA PRO B 158 -3.61 -20.92 -10.55
C PRO B 158 -3.29 -20.31 -11.91
N GLN B 159 -3.63 -19.03 -12.03
CA GLN B 159 -3.33 -18.20 -13.18
C GLN B 159 -3.03 -16.81 -12.66
N PRO B 160 -2.05 -16.11 -13.24
CA PRO B 160 -1.75 -14.74 -12.79
C PRO B 160 -2.97 -13.84 -12.91
N PHE B 161 -3.14 -12.97 -11.92
CA PHE B 161 -4.28 -12.06 -11.82
C PHE B 161 -5.60 -12.79 -11.62
N LEU B 162 -5.89 -13.76 -12.50
CA LEU B 162 -7.23 -14.35 -12.54
C LEU B 162 -7.53 -15.14 -11.28
N ARG B 163 -6.59 -15.97 -10.83
CA ARG B 163 -6.78 -16.74 -9.60
C ARG B 163 -5.41 -17.01 -9.01
N THR B 164 -5.00 -16.16 -8.06
CA THR B 164 -3.72 -16.30 -7.38
C THR B 164 -3.95 -16.65 -5.91
N ARG B 165 -2.94 -17.26 -5.32
CA ARG B 165 -3.02 -17.66 -3.91
C ARG B 165 -2.67 -16.52 -2.96
N GLU B 166 -2.04 -15.47 -3.47
CA GLU B 166 -1.88 -14.21 -2.75
C GLU B 166 -2.08 -13.08 -3.75
N PHE B 167 -2.86 -12.07 -3.35
CA PHE B 167 -3.17 -10.97 -4.26
C PHE B 167 -3.44 -9.71 -3.45
N LEU B 168 -3.25 -8.58 -4.11
CA LEU B 168 -3.58 -7.28 -3.53
C LEU B 168 -5.04 -6.96 -3.79
N TRP B 169 -5.64 -6.22 -2.86
CA TRP B 169 -7.02 -5.80 -3.02
C TRP B 169 -7.28 -4.62 -2.09
N GLN B 170 -8.50 -4.10 -2.16
CA GLN B 170 -9.05 -3.21 -1.15
C GLN B 170 -10.25 -3.90 -0.53
N GLU B 171 -10.44 -3.69 0.77
CA GLU B 171 -11.60 -4.25 1.45
C GLU B 171 -12.17 -3.19 2.38
N GLY B 172 -13.39 -2.75 2.09
CA GLY B 172 -14.09 -1.80 2.92
C GLY B 172 -15.09 -2.53 3.81
N HIS B 173 -15.15 -2.11 5.07
CA HIS B 173 -16.05 -2.69 6.06
C HIS B 173 -16.82 -1.56 6.73
N SER B 174 -18.11 -1.46 6.44
CA SER B 174 -18.96 -0.40 6.95
C SER B 174 -20.02 -0.98 7.87
N ALA B 175 -20.36 -0.22 8.92
CA ALA B 175 -21.39 -0.60 9.87
C ALA B 175 -22.34 0.57 10.04
N PHE B 176 -23.64 0.29 10.01
CA PHE B 176 -24.66 1.32 10.04
C PHE B 176 -25.62 1.09 11.19
N ALA B 177 -26.38 2.14 11.52
CA ALA B 177 -27.39 2.03 12.57
C ALA B 177 -28.68 1.40 12.04
N THR B 178 -29.04 1.71 10.79
CA THR B 178 -30.20 1.14 10.14
C THR B 178 -29.77 0.35 8.91
N MET B 179 -30.70 -0.42 8.37
CA MET B 179 -30.44 -1.25 7.21
C MET B 179 -30.72 -0.53 5.89
N GLU B 180 -31.42 0.61 5.93
CA GLU B 180 -31.65 1.38 4.71
C GLU B 180 -30.32 1.89 4.13
N GLU B 181 -29.52 2.58 4.97
CA GLU B 181 -28.25 3.11 4.50
C GLU B 181 -27.26 2.01 4.17
N ALA B 182 -27.30 0.89 4.89
CA ALA B 182 -26.42 -0.23 4.58
C ALA B 182 -26.74 -0.82 3.21
N ALA B 183 -28.00 -0.80 2.81
CA ALA B 183 -28.38 -1.34 1.52
C ALA B 183 -28.02 -0.40 0.38
N GLU B 184 -28.08 0.91 0.59
CA GLU B 184 -27.75 1.85 -0.48
C GLU B 184 -26.25 1.99 -0.69
N GLU B 185 -25.43 1.69 0.32
CA GLU B 185 -23.98 1.71 0.12
C GLU B 185 -23.52 0.53 -0.71
N VAL B 186 -24.18 -0.63 -0.57
CA VAL B 186 -23.83 -1.80 -1.36
C VAL B 186 -23.98 -1.50 -2.85
N LEU B 187 -25.10 -0.87 -3.22
CA LEU B 187 -25.34 -0.55 -4.62
C LEU B 187 -24.44 0.57 -5.13
N GLN B 188 -23.93 1.42 -4.24
CA GLN B 188 -23.05 2.49 -4.68
C GLN B 188 -21.62 2.02 -4.84
N ILE B 189 -21.16 1.13 -3.96
CA ILE B 189 -19.85 0.52 -4.16
C ILE B 189 -19.86 -0.37 -5.39
N LEU B 190 -20.99 -1.04 -5.66
CA LEU B 190 -21.09 -1.87 -6.85
C LEU B 190 -21.02 -1.03 -8.12
N ASP B 191 -21.64 0.16 -8.10
CA ASP B 191 -21.56 1.04 -9.27
C ASP B 191 -20.15 1.62 -9.42
N LEU B 192 -19.43 1.81 -8.32
CA LEU B 192 -18.03 2.23 -8.41
C LEU B 192 -17.18 1.12 -9.01
N TYR B 193 -17.46 -0.14 -8.65
CA TYR B 193 -16.78 -1.25 -9.28
C TYR B 193 -17.09 -1.32 -10.77
N ALA B 194 -18.34 -1.02 -11.15
CA ALA B 194 -18.70 -1.01 -12.55
C ALA B 194 -18.07 0.15 -13.29
N GLN B 195 -17.87 1.29 -12.61
CA GLN B 195 -17.18 2.41 -13.23
C GLN B 195 -15.72 2.06 -13.52
N VAL B 196 -15.08 1.31 -12.62
CA VAL B 196 -13.69 0.92 -12.83
C VAL B 196 -13.56 0.06 -14.08
N TYR B 197 -14.50 -0.86 -14.29
CA TYR B 197 -14.41 -1.74 -15.44
C TYR B 197 -14.84 -1.07 -16.73
N GLU B 198 -15.90 -0.26 -16.69
CA GLU B 198 -16.45 0.32 -17.91
C GLU B 198 -15.81 1.67 -18.27
N GLU B 199 -15.55 2.52 -17.28
CA GLU B 199 -15.02 3.85 -17.55
C GLU B 199 -13.50 3.93 -17.53
N LEU B 200 -12.83 3.00 -16.85
CA LEU B 200 -11.37 2.99 -16.79
C LEU B 200 -10.75 1.88 -17.62
N LEU B 201 -11.27 0.66 -17.52
CA LEU B 201 -10.73 -0.48 -18.24
C LEU B 201 -11.46 -0.77 -19.55
N ALA B 202 -12.52 -0.01 -19.86
CA ALA B 202 -13.28 -0.18 -21.10
C ALA B 202 -13.79 -1.62 -21.25
N ILE B 203 -14.28 -2.19 -20.16
CA ILE B 203 -14.79 -3.55 -20.13
C ILE B 203 -16.25 -3.50 -19.72
N PRO B 204 -17.16 -4.09 -20.50
CA PRO B 204 -18.57 -4.15 -20.07
C PRO B 204 -18.78 -5.22 -19.02
N VAL B 205 -19.65 -4.93 -18.05
CA VAL B 205 -19.95 -5.84 -16.96
C VAL B 205 -21.45 -5.94 -16.78
N VAL B 206 -21.86 -6.98 -16.06
CA VAL B 206 -23.27 -7.25 -15.79
C VAL B 206 -23.45 -7.29 -14.28
N LYS B 207 -24.17 -6.31 -13.74
CA LYS B 207 -24.49 -6.32 -12.32
C LYS B 207 -25.47 -7.44 -12.00
N GLY B 208 -25.41 -7.91 -10.76
CA GLY B 208 -26.30 -8.99 -10.37
C GLY B 208 -26.08 -9.36 -8.92
N ARG B 209 -26.93 -10.27 -8.45
CA ARG B 209 -26.85 -10.83 -7.11
C ARG B 209 -26.42 -12.29 -7.23
N LYS B 210 -25.46 -12.69 -6.39
CA LYS B 210 -25.05 -14.09 -6.36
C LYS B 210 -26.16 -14.96 -5.80
N THR B 211 -26.22 -16.20 -6.28
CA THR B 211 -27.21 -17.14 -5.78
C THR B 211 -26.86 -17.59 -4.37
N GLU B 212 -27.77 -18.36 -3.76
CA GLU B 212 -27.54 -18.88 -2.42
C GLU B 212 -26.34 -19.80 -2.34
N LYS B 213 -25.85 -20.29 -3.49
CA LYS B 213 -24.69 -21.18 -3.55
C LYS B 213 -23.39 -20.43 -3.73
N GLU B 214 -23.39 -19.38 -4.54
CA GLU B 214 -22.18 -18.63 -4.87
C GLU B 214 -22.08 -17.31 -4.13
N LYS B 215 -22.73 -17.19 -2.97
CA LYS B 215 -22.71 -15.97 -2.19
C LYS B 215 -21.73 -16.11 -1.02
N PHE B 216 -21.44 -14.96 -0.39
CA PHE B 216 -20.54 -14.92 0.75
C PHE B 216 -21.21 -15.58 1.94
N ALA B 217 -20.59 -16.65 2.45
CA ALA B 217 -21.15 -17.37 3.59
C ALA B 217 -21.14 -16.49 4.83
N GLY B 218 -22.21 -16.58 5.62
CA GLY B 218 -22.36 -15.79 6.81
C GLY B 218 -22.99 -14.43 6.60
N GLY B 219 -23.25 -14.04 5.36
CA GLY B 219 -23.89 -12.78 5.05
C GLY B 219 -25.34 -12.95 4.63
N ASP B 220 -25.93 -11.82 4.23
CA ASP B 220 -27.32 -11.82 3.76
C ASP B 220 -27.34 -12.09 2.25
N TYR B 221 -26.98 -11.09 1.45
CA TYR B 221 -26.88 -11.26 0.01
C TYR B 221 -25.55 -10.71 -0.49
N THR B 222 -25.20 -11.11 -1.71
CA THR B 222 -23.94 -10.72 -2.35
C THR B 222 -24.25 -10.14 -3.71
N THR B 223 -23.80 -8.92 -3.95
CA THR B 223 -23.85 -8.30 -5.26
C THR B 223 -22.50 -8.46 -5.94
N THR B 224 -22.52 -8.50 -7.27
CA THR B 224 -21.31 -8.79 -8.02
C THR B 224 -21.40 -8.20 -9.42
N ILE B 225 -20.25 -8.08 -10.06
CA ILE B 225 -20.15 -7.70 -11.47
C ILE B 225 -19.42 -8.81 -12.20
N GLU B 226 -19.97 -9.23 -13.33
CA GLU B 226 -19.43 -10.34 -14.10
C GLU B 226 -19.00 -9.83 -15.48
N ALA B 227 -17.78 -10.15 -15.86
CA ALA B 227 -17.26 -9.82 -17.18
C ALA B 227 -17.08 -11.09 -18.00
N PHE B 228 -17.12 -10.94 -19.32
CA PHE B 228 -17.01 -12.07 -20.24
C PHE B 228 -15.74 -11.95 -21.08
N ILE B 229 -15.04 -13.07 -21.23
CA ILE B 229 -13.83 -13.16 -22.02
C ILE B 229 -14.15 -13.92 -23.30
N SER B 230 -14.07 -13.23 -24.44
CA SER B 230 -14.54 -13.81 -25.69
C SER B 230 -13.65 -14.97 -26.15
N ALA B 231 -12.33 -14.85 -25.98
CA ALA B 231 -11.42 -15.85 -26.52
C ALA B 231 -11.62 -17.20 -25.86
N SER B 232 -11.88 -17.22 -24.55
CA SER B 232 -12.05 -18.46 -23.82
C SER B 232 -13.50 -18.90 -23.72
N GLY B 233 -14.44 -17.99 -23.89
CA GLY B 233 -15.85 -18.30 -23.70
C GLY B 233 -16.29 -18.36 -22.26
N ARG B 234 -15.40 -18.06 -21.30
CA ARG B 234 -15.74 -18.11 -19.89
C ARG B 234 -15.95 -16.70 -19.35
N ALA B 235 -16.75 -16.61 -18.29
CA ALA B 235 -16.95 -15.36 -17.57
C ALA B 235 -16.17 -15.39 -16.26
N ILE B 236 -16.12 -14.24 -15.60
CA ILE B 236 -15.32 -14.12 -14.37
C ILE B 236 -15.95 -13.06 -13.48
N GLN B 237 -15.88 -13.30 -12.17
CA GLN B 237 -16.39 -12.35 -11.18
C GLN B 237 -15.40 -11.21 -11.01
N GLY B 238 -15.82 -10.00 -11.37
CA GLY B 238 -14.92 -8.87 -11.33
C GLY B 238 -14.82 -8.19 -9.98
N GLY B 239 -15.87 -8.26 -9.18
CA GLY B 239 -15.88 -7.63 -7.87
C GLY B 239 -17.15 -7.92 -7.11
N THR B 240 -17.10 -7.90 -5.78
CA THR B 240 -18.24 -8.27 -4.95
C THR B 240 -18.48 -7.21 -3.89
N SER B 241 -19.75 -6.93 -3.63
CA SER B 241 -20.18 -6.06 -2.54
C SER B 241 -21.26 -6.80 -1.76
N HIS B 242 -20.99 -7.10 -0.50
CA HIS B 242 -21.83 -7.95 0.31
C HIS B 242 -22.61 -7.15 1.34
N HIS B 243 -23.84 -7.56 1.59
CA HIS B 243 -24.62 -7.08 2.73
C HIS B 243 -24.60 -8.16 3.80
N LEU B 244 -24.00 -7.86 4.94
CA LEU B 244 -23.88 -8.84 6.00
C LEU B 244 -25.07 -8.85 6.95
N GLY B 245 -25.90 -7.82 6.92
CA GLY B 245 -27.02 -7.75 7.84
C GLY B 245 -26.53 -7.61 9.27
N GLN B 246 -27.03 -8.47 10.16
CA GLN B 246 -26.64 -8.48 11.55
C GLN B 246 -25.98 -9.80 11.96
N ASN B 247 -25.66 -10.66 11.00
CA ASN B 247 -25.11 -11.97 11.34
C ASN B 247 -23.77 -11.85 12.04
N PHE B 248 -22.91 -10.94 11.59
CA PHE B 248 -21.61 -10.78 12.21
C PHE B 248 -21.70 -9.97 13.49
N SER B 249 -22.57 -8.95 13.52
CA SER B 249 -22.74 -8.18 14.74
C SER B 249 -23.39 -8.99 15.85
N LYS B 250 -24.14 -10.04 15.53
CA LYS B 250 -24.73 -10.89 16.55
C LYS B 250 -23.67 -11.70 17.29
N MET B 251 -22.68 -12.24 16.56
CA MET B 251 -21.65 -13.06 17.18
C MET B 251 -20.43 -12.27 17.61
N PHE B 252 -20.27 -11.03 17.15
CA PHE B 252 -19.20 -10.16 17.62
C PHE B 252 -19.69 -9.08 18.56
N GLU B 253 -20.99 -9.03 18.85
CA GLU B 253 -21.58 -8.10 19.82
C GLU B 253 -21.28 -6.64 19.47
N ILE B 254 -21.58 -6.28 18.22
CA ILE B 254 -21.42 -4.90 17.75
C ILE B 254 -22.76 -4.23 17.98
N VAL B 255 -22.95 -3.69 19.18
CA VAL B 255 -24.21 -3.12 19.60
C VAL B 255 -24.01 -1.65 19.91
N PHE B 256 -25.08 -0.87 19.75
CA PHE B 256 -25.05 0.56 20.04
C PHE B 256 -26.35 0.95 20.74
N GLU B 257 -26.28 2.06 21.48
CA GLU B 257 -27.43 2.56 22.21
C GLU B 257 -28.39 3.29 21.26
N ASP B 258 -29.68 3.20 21.58
CA ASP B 258 -30.69 3.84 20.77
C ASP B 258 -30.57 5.37 20.91
N PRO B 259 -30.75 6.11 19.82
CA PRO B 259 -30.62 7.58 19.94
C PRO B 259 -31.74 8.23 20.73
N LYS B 260 -32.98 7.77 20.55
CA LYS B 260 -34.13 8.37 21.22
C LYS B 260 -34.60 7.56 22.42
N ILE B 261 -34.71 6.24 22.29
CA ILE B 261 -35.20 5.39 23.37
C ILE B 261 -34.06 5.13 24.35
N PRO B 262 -34.23 5.47 25.62
CA PRO B 262 -33.13 5.27 26.58
C PRO B 262 -32.91 3.80 26.90
N GLY B 263 -31.63 3.41 26.94
CA GLY B 263 -31.24 2.07 27.33
C GLY B 263 -31.42 1.00 26.27
N GLU B 264 -32.25 1.23 25.26
CA GLU B 264 -32.50 0.21 24.25
C GLU B 264 -31.31 0.10 23.30
N LYS B 265 -31.00 -1.11 22.89
CA LYS B 265 -29.83 -1.39 22.07
C LYS B 265 -30.23 -2.20 20.83
N GLN B 266 -29.41 -2.11 19.79
CA GLN B 266 -29.71 -2.77 18.53
C GLN B 266 -28.40 -3.22 17.88
N PHE B 267 -28.44 -4.38 17.23
CA PHE B 267 -27.28 -4.86 16.49
C PHE B 267 -27.07 -4.04 15.23
N ALA B 268 -25.81 -3.77 14.92
CA ALA B 268 -25.47 -2.96 13.75
C ALA B 268 -25.59 -3.74 12.46
N TYR B 269 -25.93 -3.03 11.39
CA TYR B 269 -26.02 -3.62 10.05
C TYR B 269 -24.73 -3.32 9.31
N GLN B 270 -24.09 -4.37 8.80
CA GLN B 270 -22.73 -4.26 8.27
C GLN B 270 -22.68 -4.65 6.79
N ASN B 271 -21.67 -4.11 6.11
CA ASN B 271 -21.38 -4.44 4.72
C ASN B 271 -19.88 -4.70 4.57
N SER B 272 -19.53 -5.39 3.49
CA SER B 272 -18.14 -5.62 3.13
C SER B 272 -18.04 -5.70 1.61
N TRP B 273 -17.01 -5.07 1.06
CA TRP B 273 -16.83 -4.98 -0.38
C TRP B 273 -15.35 -5.02 -0.72
N GLY B 274 -15.02 -5.75 -1.78
CA GLY B 274 -13.63 -5.96 -2.16
C GLY B 274 -13.44 -5.91 -3.66
N LEU B 275 -12.25 -5.49 -4.05
CA LEU B 275 -11.86 -5.44 -5.46
C LEU B 275 -10.37 -5.77 -5.53
N THR B 276 -10.02 -6.81 -6.28
CA THR B 276 -8.67 -7.36 -6.31
C THR B 276 -7.96 -6.97 -7.59
N THR B 277 -6.69 -7.36 -7.68
CA THR B 277 -5.88 -7.14 -8.88
C THR B 277 -6.31 -7.99 -10.06
N ARG B 278 -7.39 -8.77 -9.91
CA ARG B 278 -7.94 -9.53 -11.03
C ARG B 278 -8.33 -8.60 -12.18
N THR B 279 -8.63 -7.33 -11.87
CA THR B 279 -9.02 -6.37 -12.89
C THR B 279 -7.98 -6.27 -14.00
N ILE B 280 -6.70 -6.41 -13.65
CA ILE B 280 -5.64 -6.28 -14.65
C ILE B 280 -5.67 -7.46 -15.61
N GLY B 281 -5.79 -8.68 -15.08
CA GLY B 281 -5.85 -9.85 -15.93
C GLY B 281 -7.06 -9.87 -16.84
N VAL B 282 -8.21 -9.40 -16.33
CA VAL B 282 -9.40 -9.29 -17.16
C VAL B 282 -9.18 -8.28 -18.27
N MET B 283 -8.45 -7.19 -17.97
CA MET B 283 -8.13 -6.20 -18.98
C MET B 283 -7.31 -6.81 -20.12
N THR B 284 -6.37 -7.68 -19.78
CA THR B 284 -5.52 -8.29 -20.81
C THR B 284 -6.29 -9.34 -21.60
N MET B 285 -7.08 -10.16 -20.92
CA MET B 285 -7.83 -11.22 -21.59
C MET B 285 -8.82 -10.67 -22.60
N VAL B 286 -9.39 -9.49 -22.32
CA VAL B 286 -10.41 -8.92 -23.20
C VAL B 286 -9.79 -8.06 -24.30
N HIS B 287 -8.77 -7.26 -23.97
CA HIS B 287 -8.22 -6.31 -24.93
C HIS B 287 -6.93 -6.75 -25.58
N GLY B 288 -6.23 -7.73 -25.03
CA GLY B 288 -4.95 -8.13 -25.59
C GLY B 288 -5.11 -8.93 -26.87
N ASP B 289 -4.27 -8.60 -27.86
CA ASP B 289 -4.24 -9.29 -29.14
C ASP B 289 -2.93 -10.07 -29.29
N ASN B 290 -2.56 -10.37 -30.52
CA ASN B 290 -1.40 -11.22 -30.79
C ASN B 290 -0.08 -10.47 -30.84
N MET B 291 -0.10 -9.14 -30.83
CA MET B 291 1.12 -8.35 -30.72
C MET B 291 1.38 -7.86 -29.30
N GLY B 292 0.63 -8.35 -28.32
CA GLY B 292 0.87 -8.04 -26.93
C GLY B 292 -0.35 -7.42 -26.27
N LEU B 293 -0.09 -6.43 -25.42
CA LEU B 293 -1.12 -5.82 -24.58
C LEU B 293 -1.72 -4.59 -25.27
N VAL B 294 -2.90 -4.21 -24.82
CA VAL B 294 -3.59 -3.00 -25.27
C VAL B 294 -4.08 -2.28 -24.02
N LEU B 295 -3.43 -1.17 -23.68
CA LEU B 295 -3.78 -0.43 -22.48
C LEU B 295 -4.86 0.59 -22.82
N PRO B 296 -6.00 0.58 -22.12
CA PRO B 296 -6.98 1.65 -22.30
C PRO B 296 -6.38 3.00 -21.96
N PRO B 297 -6.64 4.03 -22.77
CA PRO B 297 -6.00 5.33 -22.54
C PRO B 297 -6.25 5.93 -21.17
N ARG B 298 -7.36 5.61 -20.52
CA ARG B 298 -7.66 6.22 -19.22
C ARG B 298 -6.77 5.65 -18.12
N VAL B 299 -6.29 4.42 -18.27
CA VAL B 299 -5.42 3.80 -17.28
C VAL B 299 -3.97 3.67 -17.75
N ALA B 300 -3.68 4.04 -19.00
CA ALA B 300 -2.33 3.94 -19.53
C ALA B 300 -1.49 5.07 -18.97
N CYS B 301 -0.50 4.74 -18.13
CA CYS B 301 0.41 5.75 -17.61
C CYS B 301 1.17 6.44 -18.74
N VAL B 302 1.40 5.74 -19.85
CA VAL B 302 1.97 6.32 -21.05
C VAL B 302 0.90 6.23 -22.13
N GLN B 303 0.23 7.35 -22.40
CA GLN B 303 -0.82 7.36 -23.41
C GLN B 303 -0.23 7.54 -24.81
N VAL B 304 0.78 8.40 -24.94
CA VAL B 304 1.45 8.65 -26.21
C VAL B 304 2.95 8.46 -25.99
N VAL B 305 3.61 7.80 -26.93
CA VAL B 305 5.06 7.64 -26.91
C VAL B 305 5.63 8.27 -28.19
N ILE B 306 6.65 9.10 -28.03
CA ILE B 306 7.30 9.77 -29.14
C ILE B 306 8.62 9.05 -29.41
N ILE B 307 8.76 8.52 -30.62
CA ILE B 307 9.93 7.76 -31.02
C ILE B 307 10.47 8.33 -32.33
N PRO B 308 11.68 8.88 -32.35
CA PRO B 308 12.24 9.38 -33.61
C PRO B 308 12.69 8.23 -34.50
N CYS B 309 12.44 8.38 -35.80
CA CYS B 309 12.81 7.38 -36.79
C CYS B 309 13.48 8.07 -37.97
N GLY B 310 13.90 7.28 -38.95
CA GLY B 310 14.54 7.80 -40.13
C GLY B 310 16.01 8.12 -39.98
N ILE B 311 16.60 7.89 -38.82
CA ILE B 311 18.00 8.19 -38.60
C ILE B 311 18.87 6.96 -38.91
N LEU B 315 21.50 11.07 -40.53
CA LEU B 315 22.75 11.28 -41.26
C LEU B 315 23.54 12.45 -40.67
N SER B 316 23.10 13.66 -40.99
CA SER B 316 23.78 14.85 -40.50
C SER B 316 23.53 15.06 -39.01
N GLU B 317 24.53 15.62 -38.33
CA GLU B 317 24.41 15.84 -36.89
C GLU B 317 23.65 17.11 -36.54
N GLU B 318 23.48 18.03 -37.51
CA GLU B 318 22.69 19.22 -37.26
C GLU B 318 21.20 18.93 -37.35
N ASP B 319 20.79 18.17 -38.37
CA ASP B 319 19.39 17.79 -38.48
C ASP B 319 18.99 16.82 -37.38
N LYS B 320 19.94 16.07 -36.84
CA LYS B 320 19.64 15.22 -35.69
C LYS B 320 19.28 16.04 -34.46
N GLU B 321 20.00 17.14 -34.22
CA GLU B 321 19.65 18.03 -33.12
C GLU B 321 18.28 18.66 -33.33
N ALA B 322 17.87 18.86 -34.58
CA ALA B 322 16.55 19.37 -34.86
C ALA B 322 15.47 18.30 -34.72
N LEU B 323 15.81 17.04 -35.02
CA LEU B 323 14.85 15.96 -34.85
C LEU B 323 14.56 15.70 -33.38
N ILE B 324 15.57 15.82 -32.52
CA ILE B 324 15.35 15.65 -31.09
C ILE B 324 14.59 16.84 -30.52
N ALA B 325 14.79 18.03 -31.08
CA ALA B 325 14.07 19.21 -30.60
C ALA B 325 12.58 19.12 -30.94
N LYS B 326 12.26 18.58 -32.11
CA LYS B 326 10.86 18.45 -32.50
C LYS B 326 10.14 17.44 -31.61
N CYS B 327 10.81 16.35 -31.24
CA CYS B 327 10.21 15.39 -30.31
C CYS B 327 9.95 16.03 -28.96
N ASN B 328 10.90 16.82 -28.47
CA ASN B 328 10.65 17.60 -27.25
C ASN B 328 9.52 18.60 -27.46
N ASP B 329 9.46 19.21 -28.65
CA ASP B 329 8.38 20.14 -28.94
C ASP B 329 7.03 19.45 -28.97
N TYR B 330 6.98 18.19 -29.41
CA TYR B 330 5.73 17.44 -29.37
C TYR B 330 5.37 17.05 -27.95
N ARG B 331 6.38 16.71 -27.13
CA ARG B 331 6.10 16.34 -25.74
C ARG B 331 5.54 17.52 -24.96
N ARG B 332 6.13 18.70 -25.12
CA ARG B 332 5.63 19.89 -24.43
C ARG B 332 4.24 20.29 -24.93
N ARG B 333 3.97 20.07 -26.22
CA ARG B 333 2.66 20.38 -26.77
C ARG B 333 1.58 19.42 -26.30
N LEU B 334 1.94 18.19 -25.93
CA LEU B 334 0.98 17.23 -25.39
C LEU B 334 0.85 17.33 -23.87
N LEU B 335 1.94 17.65 -23.17
CA LEU B 335 1.86 17.82 -21.73
C LEU B 335 1.02 19.04 -21.35
N SER B 336 0.87 20.00 -22.26
CA SER B 336 0.08 21.18 -21.94
C SER B 336 -1.40 20.84 -21.79
N VAL B 337 -1.89 19.85 -22.54
CA VAL B 337 -3.30 19.50 -22.53
C VAL B 337 -3.50 18.27 -21.67
N ASN B 338 -2.55 18.05 -20.76
CA ASN B 338 -2.63 16.99 -19.77
C ASN B 338 -2.71 15.61 -20.42
N ILE B 339 -1.91 15.41 -21.47
CA ILE B 339 -1.78 14.10 -22.10
C ILE B 339 -0.49 13.47 -21.60
N ARG B 340 -0.59 12.27 -21.03
CA ARG B 340 0.56 11.57 -20.48
C ARG B 340 1.42 11.04 -21.62
N VAL B 341 2.49 11.77 -21.95
CA VAL B 341 3.34 11.45 -23.09
C VAL B 341 4.77 11.24 -22.60
N ARG B 342 5.45 10.25 -23.17
CA ARG B 342 6.85 9.97 -22.87
C ARG B 342 7.63 9.88 -24.17
N ALA B 343 8.77 10.56 -24.22
CA ALA B 343 9.62 10.58 -25.40
C ALA B 343 10.77 9.59 -25.18
N ASP B 344 10.82 8.54 -26.00
CA ASP B 344 11.87 7.53 -25.92
C ASP B 344 12.99 7.94 -26.85
N LEU B 345 13.99 8.63 -26.28
CA LEU B 345 15.12 9.16 -27.03
C LEU B 345 16.42 8.41 -26.73
N ARG B 346 16.31 7.15 -26.33
CA ARG B 346 17.49 6.35 -26.00
C ARG B 346 18.24 5.99 -27.27
N ASP B 347 19.42 6.57 -27.46
CA ASP B 347 20.21 6.30 -28.65
C ASP B 347 20.72 4.87 -28.69
N ASN B 348 20.80 4.19 -27.55
CA ASN B 348 21.34 2.84 -27.48
C ASN B 348 20.35 1.78 -27.99
N TYR B 349 19.16 2.18 -28.40
CA TYR B 349 18.16 1.25 -28.90
C TYR B 349 17.74 1.64 -30.31
N SER B 350 17.50 0.63 -31.14
CA SER B 350 17.00 0.87 -32.49
C SER B 350 15.58 1.44 -32.43
N PRO B 351 15.22 2.30 -33.39
CA PRO B 351 13.83 2.79 -33.44
C PRO B 351 12.82 1.68 -33.68
N GLY B 352 13.19 0.66 -34.47
CA GLY B 352 12.31 -0.48 -34.63
C GLY B 352 12.18 -1.31 -33.37
N TRP B 353 13.23 -1.34 -32.55
CA TRP B 353 13.15 -2.00 -31.26
C TRP B 353 12.17 -1.28 -30.34
N LYS B 354 12.19 0.06 -30.35
CA LYS B 354 11.27 0.82 -29.51
C LYS B 354 9.82 0.63 -29.95
N PHE B 355 9.60 0.45 -31.26
CA PHE B 355 8.23 0.24 -31.74
C PHE B 355 7.65 -1.04 -31.16
N ASN B 356 8.38 -2.15 -31.29
CA ASN B 356 7.90 -3.42 -30.75
C ASN B 356 7.92 -3.47 -29.23
N HIS B 357 8.72 -2.61 -28.60
CA HIS B 357 8.76 -2.60 -27.14
C HIS B 357 7.50 -1.95 -26.56
N TRP B 358 7.20 -0.73 -26.98
CA TRP B 358 6.02 -0.03 -26.48
C TRP B 358 4.72 -0.65 -26.97
N GLU B 359 4.77 -1.40 -28.08
CA GLU B 359 3.57 -2.07 -28.56
C GLU B 359 3.17 -3.21 -27.64
N LEU B 360 4.14 -4.04 -27.24
CA LEU B 360 3.85 -5.11 -26.29
C LEU B 360 3.36 -4.57 -24.95
N LYS B 361 3.84 -3.39 -24.57
CA LYS B 361 3.40 -2.75 -23.33
C LYS B 361 2.03 -2.09 -23.45
N GLY B 362 1.51 -1.92 -24.67
CA GLY B 362 0.16 -1.45 -24.86
C GLY B 362 -0.01 0.06 -24.94
N VAL B 363 1.03 0.80 -25.27
CA VAL B 363 0.89 2.26 -25.37
C VAL B 363 -0.15 2.59 -26.45
N PRO B 364 -1.17 3.39 -26.14
CA PRO B 364 -2.26 3.59 -27.11
C PRO B 364 -1.81 4.16 -28.45
N ILE B 365 -0.95 5.17 -28.46
CA ILE B 365 -0.53 5.81 -29.71
C ILE B 365 1.00 5.91 -29.73
N ARG B 366 1.59 5.49 -30.84
CA ARG B 366 3.01 5.68 -31.12
C ARG B 366 3.16 6.86 -32.07
N LEU B 367 4.00 7.81 -31.71
CA LEU B 367 4.18 9.05 -32.47
C LEU B 367 5.54 8.99 -33.17
N GLU B 368 5.49 8.72 -34.48
CA GLU B 368 6.70 8.62 -35.30
C GLU B 368 7.02 9.98 -35.90
N VAL B 369 8.28 10.40 -35.79
CA VAL B 369 8.78 11.62 -36.39
C VAL B 369 10.05 11.31 -37.15
N GLY B 370 10.01 11.45 -38.47
CA GLY B 370 11.19 11.29 -39.28
C GLY B 370 11.70 12.62 -39.79
N PRO B 371 12.95 12.65 -40.28
CA PRO B 371 13.48 13.91 -40.82
C PRO B 371 12.69 14.41 -42.02
N ARG B 372 12.25 13.51 -42.90
CA ARG B 372 11.46 13.93 -44.05
C ARG B 372 10.08 14.40 -43.63
N ASP B 373 9.49 13.75 -42.62
CA ASP B 373 8.17 14.15 -42.14
C ASP B 373 8.23 15.50 -41.44
N MET B 374 9.30 15.76 -40.70
CA MET B 374 9.43 17.04 -40.00
C MET B 374 9.58 18.19 -40.99
N LYS B 375 10.36 18.00 -42.05
CA LYS B 375 10.50 19.02 -43.08
C LYS B 375 9.19 19.26 -43.83
N SER B 376 8.27 18.30 -43.79
CA SER B 376 6.96 18.43 -44.42
C SER B 376 5.89 18.89 -43.44
N CYS B 377 6.27 19.22 -42.21
CA CYS B 377 5.34 19.70 -41.18
C CYS B 377 4.24 18.67 -40.92
N GLN B 378 4.64 17.41 -40.76
CA GLN B 378 3.71 16.32 -40.52
C GLN B 378 4.37 15.26 -39.65
N PHE B 379 3.54 14.56 -38.89
CA PHE B 379 3.99 13.43 -38.09
C PHE B 379 3.01 12.27 -38.28
N VAL B 380 3.39 11.09 -37.79
CA VAL B 380 2.63 9.88 -37.98
C VAL B 380 2.20 9.35 -36.62
N ALA B 381 0.89 9.17 -36.44
CA ALA B 381 0.33 8.59 -35.24
C ALA B 381 -0.16 7.18 -35.55
N VAL B 382 0.22 6.21 -34.72
CA VAL B 382 -0.13 4.81 -34.92
C VAL B 382 -0.99 4.37 -33.75
N ARG B 383 -2.20 3.92 -34.06
CA ARG B 383 -3.14 3.48 -33.03
C ARG B 383 -2.87 2.03 -32.65
N ARG B 384 -2.79 1.76 -31.34
CA ARG B 384 -2.49 0.41 -30.88
C ARG B 384 -3.67 -0.54 -31.09
N ASP B 385 -4.90 -0.04 -30.97
CA ASP B 385 -6.05 -0.93 -31.07
C ASP B 385 -6.35 -1.34 -32.52
N THR B 386 -6.26 -0.40 -33.46
CA THR B 386 -6.62 -0.66 -34.85
C THR B 386 -5.42 -0.80 -35.77
N GLY B 387 -4.22 -0.40 -35.33
CA GLY B 387 -3.07 -0.44 -36.20
C GLY B 387 -3.08 0.57 -37.32
N GLU B 388 -4.03 1.51 -37.31
CA GLU B 388 -4.14 2.48 -38.39
C GLU B 388 -3.01 3.51 -38.31
N LYS B 389 -2.67 4.06 -39.48
CA LYS B 389 -1.58 5.02 -39.61
C LYS B 389 -2.13 6.32 -40.18
N LEU B 390 -1.98 7.41 -39.44
CA LEU B 390 -2.47 8.72 -39.85
C LEU B 390 -1.32 9.72 -39.86
N THR B 391 -1.14 10.39 -40.99
CA THR B 391 -0.10 11.42 -41.14
C THR B 391 -0.70 12.75 -40.72
N VAL B 392 -0.67 13.03 -39.43
CA VAL B 392 -1.26 14.25 -38.87
C VAL B 392 -0.26 15.39 -38.97
N ALA B 393 -0.79 16.60 -39.16
CA ALA B 393 0.06 17.78 -39.24
C ALA B 393 0.47 18.24 -37.84
N GLU B 394 1.52 19.07 -37.80
CA GLU B 394 2.05 19.53 -36.52
C GLU B 394 1.08 20.45 -35.80
N ASN B 395 0.29 21.23 -36.55
CA ASN B 395 -0.65 22.14 -35.91
C ASN B 395 -1.82 21.38 -35.29
N GLU B 396 -2.28 20.32 -35.95
CA GLU B 396 -3.38 19.49 -35.45
C GLU B 396 -2.88 18.35 -34.57
N ALA B 397 -1.76 18.53 -33.88
CA ALA B 397 -1.18 17.47 -33.06
C ALA B 397 -2.01 17.19 -31.83
N GLU B 398 -2.00 18.12 -30.87
CA GLU B 398 -2.66 17.88 -29.58
C GLU B 398 -4.16 17.71 -29.72
N THR B 399 -4.76 18.18 -30.82
CA THR B 399 -6.20 18.03 -31.01
C THR B 399 -6.54 16.63 -31.48
N LYS B 400 -5.91 16.18 -32.57
CA LYS B 400 -6.17 14.82 -33.06
C LYS B 400 -5.71 13.78 -32.05
N LEU B 401 -4.55 13.98 -31.43
CA LEU B 401 -4.07 13.05 -30.44
C LEU B 401 -5.00 12.96 -29.24
N GLN B 402 -5.63 14.07 -28.86
CA GLN B 402 -6.68 14.01 -27.86
C GLN B 402 -7.92 13.32 -28.41
N ALA B 403 -8.22 13.53 -29.68
CA ALA B 403 -9.39 12.89 -30.29
C ALA B 403 -9.14 11.40 -30.51
N ILE B 404 -7.90 11.00 -30.82
CA ILE B 404 -7.61 9.58 -31.00
C ILE B 404 -7.60 8.86 -29.67
N LEU B 405 -7.11 9.52 -28.62
CA LEU B 405 -7.15 8.92 -27.28
C LEU B 405 -8.58 8.61 -26.85
N GLU B 406 -9.51 9.51 -27.15
CA GLU B 406 -10.91 9.25 -26.83
C GLU B 406 -11.50 8.15 -27.71
N ASP B 407 -11.01 8.03 -28.96
CA ASP B 407 -11.56 7.03 -29.86
C ASP B 407 -11.11 5.62 -29.49
N ILE B 408 -9.90 5.46 -28.97
CA ILE B 408 -9.41 4.14 -28.61
C ILE B 408 -10.17 3.61 -27.40
N GLN B 409 -10.44 4.46 -26.41
CA GLN B 409 -11.22 4.04 -25.24
C GLN B 409 -12.63 3.63 -25.64
N VAL B 410 -13.21 4.30 -26.64
CA VAL B 410 -14.56 3.97 -27.08
C VAL B 410 -14.57 2.66 -27.86
N THR B 411 -13.62 2.50 -28.79
CA THR B 411 -13.59 1.30 -29.63
C THR B 411 -13.33 0.05 -28.81
N LEU B 412 -12.46 0.15 -27.79
CA LEU B 412 -12.21 -1.01 -26.93
C LEU B 412 -13.47 -1.42 -26.18
N PHE B 413 -14.25 -0.44 -25.72
CA PHE B 413 -15.49 -0.78 -25.02
C PHE B 413 -16.57 -1.23 -26.00
N THR B 414 -16.61 -0.62 -27.18
CA THR B 414 -17.66 -0.95 -28.15
C THR B 414 -17.56 -2.39 -28.63
N ARG B 415 -16.35 -2.81 -29.04
CA ARG B 415 -16.19 -4.16 -29.58
C ARG B 415 -16.20 -5.21 -28.49
N ALA B 416 -15.75 -4.87 -27.27
CA ALA B 416 -15.87 -5.82 -26.17
C ALA B 416 -17.32 -6.00 -25.74
N SER B 417 -18.10 -4.91 -25.78
CA SER B 417 -19.53 -5.03 -25.52
C SER B 417 -20.25 -5.69 -26.68
N GLU B 418 -19.71 -5.58 -27.89
CA GLU B 418 -20.31 -6.26 -29.03
C GLU B 418 -20.21 -7.77 -28.89
N ASP B 419 -19.08 -8.28 -28.42
CA ASP B 419 -18.99 -9.70 -28.14
C ASP B 419 -19.85 -10.10 -26.94
N LEU B 420 -20.10 -9.16 -26.04
CA LEU B 420 -21.01 -9.44 -24.92
C LEU B 420 -22.45 -9.52 -25.41
N LYS B 421 -22.83 -8.68 -26.37
CA LYS B 421 -24.19 -8.67 -26.88
C LYS B 421 -24.52 -9.92 -27.69
N THR B 422 -23.51 -10.61 -28.22
CA THR B 422 -23.75 -11.78 -29.07
C THR B 422 -23.51 -13.11 -28.37
N HIS B 423 -22.80 -13.11 -27.23
CA HIS B 423 -22.51 -14.33 -26.51
C HIS B 423 -23.33 -14.48 -25.24
N MET B 424 -24.25 -13.58 -24.97
CA MET B 424 -25.13 -13.65 -23.81
C MET B 424 -26.56 -13.78 -24.32
N VAL B 425 -26.96 -15.02 -24.64
CA VAL B 425 -28.28 -15.29 -25.17
C VAL B 425 -29.12 -15.97 -24.10
N VAL B 426 -30.44 -15.97 -24.32
CA VAL B 426 -31.40 -16.52 -23.38
C VAL B 426 -31.86 -17.88 -23.88
N ALA B 427 -31.90 -18.85 -22.97
CA ALA B 427 -32.42 -20.18 -23.28
C ALA B 427 -33.40 -20.61 -22.21
N ASN B 428 -34.33 -21.49 -22.59
CA ASN B 428 -35.39 -21.93 -21.69
C ASN B 428 -35.43 -23.44 -21.50
N THR B 429 -34.57 -24.19 -22.18
CA THR B 429 -34.51 -25.65 -22.04
C THR B 429 -33.07 -26.08 -21.83
N MET B 430 -32.89 -27.21 -21.15
CA MET B 430 -31.55 -27.75 -20.95
C MET B 430 -30.94 -28.28 -22.24
N GLU B 431 -31.76 -28.49 -23.28
CA GLU B 431 -31.22 -28.88 -24.58
C GLU B 431 -30.53 -27.70 -25.25
N ASP B 432 -31.20 -26.55 -25.28
CA ASP B 432 -30.56 -25.34 -25.80
C ASP B 432 -29.44 -24.86 -24.88
N PHE B 433 -29.61 -25.07 -23.57
CA PHE B 433 -28.56 -24.69 -22.61
C PHE B 433 -27.25 -25.38 -22.94
N GLN B 434 -27.31 -26.66 -23.33
CA GLN B 434 -26.09 -27.42 -23.58
C GLN B 434 -25.40 -26.94 -24.86
N LYS B 435 -26.14 -26.90 -25.97
CA LYS B 435 -25.53 -26.54 -27.25
C LYS B 435 -25.00 -25.12 -27.24
N ILE B 436 -25.71 -24.19 -26.59
CA ILE B 436 -25.24 -22.82 -26.52
C ILE B 436 -23.96 -22.73 -25.71
N LEU B 437 -23.88 -23.48 -24.60
CA LEU B 437 -22.69 -23.45 -23.76
C LEU B 437 -21.49 -24.04 -24.49
N ASP B 438 -21.71 -25.08 -25.30
CA ASP B 438 -20.60 -25.70 -26.02
C ASP B 438 -20.04 -24.82 -27.13
N SER B 439 -20.79 -23.80 -27.54
CA SER B 439 -20.30 -22.83 -28.53
C SER B 439 -19.51 -21.70 -27.88
N GLY B 440 -19.23 -21.79 -26.59
CA GLY B 440 -18.46 -20.76 -25.90
C GLY B 440 -19.24 -19.49 -25.67
N LYS B 441 -20.42 -19.60 -25.06
CA LYS B 441 -21.28 -18.46 -24.80
C LYS B 441 -21.77 -18.51 -23.36
N ILE B 442 -22.52 -17.48 -22.98
CA ILE B 442 -23.09 -17.34 -21.64
C ILE B 442 -24.60 -17.23 -21.79
N VAL B 443 -25.33 -17.84 -20.85
CA VAL B 443 -26.76 -18.04 -21.00
C VAL B 443 -27.50 -17.43 -19.81
N GLN B 444 -28.63 -16.77 -20.09
CA GLN B 444 -29.60 -16.36 -19.08
C GLN B 444 -30.74 -17.37 -19.10
N ILE B 445 -30.94 -18.06 -17.98
CA ILE B 445 -31.98 -19.09 -17.89
C ILE B 445 -32.92 -18.80 -16.74
N PRO B 446 -34.18 -19.22 -16.80
CA PRO B 446 -35.06 -19.14 -15.62
C PRO B 446 -34.65 -20.19 -14.60
N PHE B 447 -34.31 -19.75 -13.39
CA PHE B 447 -33.70 -20.60 -12.39
C PHE B 447 -34.58 -20.65 -11.14
N CYS B 448 -34.55 -21.80 -10.47
CA CYS B 448 -35.33 -21.96 -9.25
C CYS B 448 -34.61 -21.38 -8.03
N GLY B 449 -33.29 -21.30 -8.07
CA GLY B 449 -32.50 -20.74 -6.99
C GLY B 449 -32.03 -21.72 -5.95
N GLU B 450 -32.61 -22.92 -5.91
CA GLU B 450 -32.20 -23.91 -4.91
C GLU B 450 -30.77 -24.37 -5.17
N ILE B 451 -30.05 -24.66 -4.08
CA ILE B 451 -28.66 -25.06 -4.21
C ILE B 451 -28.54 -26.42 -4.88
N ASP B 452 -29.41 -27.36 -4.51
CA ASP B 452 -29.31 -28.72 -5.04
C ASP B 452 -29.60 -28.78 -6.53
N CYS B 453 -30.37 -27.82 -7.05
CA CYS B 453 -30.53 -27.72 -8.50
C CYS B 453 -29.32 -27.08 -9.14
N GLU B 454 -28.67 -26.14 -8.45
CA GLU B 454 -27.43 -25.57 -8.96
C GLU B 454 -26.32 -26.62 -9.01
N ASP B 455 -26.34 -27.58 -8.08
CA ASP B 455 -25.41 -28.70 -8.16
C ASP B 455 -25.72 -29.58 -9.36
N TRP B 456 -27.01 -29.75 -9.68
CA TRP B 456 -27.39 -30.57 -10.82
C TRP B 456 -26.97 -29.94 -12.13
N ILE B 457 -27.02 -28.61 -12.21
CA ILE B 457 -26.65 -27.93 -13.47
C ILE B 457 -25.16 -28.07 -13.74
N LYS B 458 -24.33 -27.97 -12.70
CA LYS B 458 -22.89 -28.08 -12.89
C LYS B 458 -22.49 -29.50 -13.27
N LYS B 459 -23.15 -30.51 -12.68
CA LYS B 459 -22.81 -31.89 -12.98
C LYS B 459 -23.31 -32.32 -14.35
N THR B 460 -24.46 -31.79 -14.79
CA THR B 460 -25.02 -32.19 -16.07
C THR B 460 -24.32 -31.49 -17.23
N THR B 461 -24.03 -30.20 -17.10
CA THR B 461 -23.37 -29.46 -18.16
C THR B 461 -21.95 -29.94 -18.41
N ALA B 462 -21.31 -30.54 -17.41
CA ALA B 462 -19.97 -31.11 -17.61
C ALA B 462 -20.01 -32.33 -18.50
N ARG B 463 -21.14 -33.02 -18.59
CA ARG B 463 -21.28 -34.20 -19.44
C ARG B 463 -22.22 -33.91 -20.61
N MET B 474 -14.91 -27.95 -16.81
CA MET B 474 -16.16 -28.26 -17.49
C MET B 474 -17.31 -28.28 -16.48
N GLY B 475 -18.49 -27.85 -16.92
CA GLY B 475 -19.63 -27.73 -16.04
C GLY B 475 -20.00 -26.28 -15.77
N ALA B 476 -21.19 -25.88 -16.23
CA ALA B 476 -21.61 -24.49 -16.09
C ALA B 476 -21.91 -24.17 -14.63
N LYS B 477 -21.53 -22.96 -14.23
CA LYS B 477 -21.82 -22.44 -12.90
C LYS B 477 -22.65 -21.16 -13.00
N SER B 478 -23.37 -20.87 -11.93
CA SER B 478 -24.12 -19.63 -11.86
C SER B 478 -23.17 -18.46 -11.70
N LEU B 479 -23.36 -17.43 -12.52
CA LEU B 479 -22.52 -16.24 -12.49
C LEU B 479 -23.13 -15.12 -11.68
N CYS B 480 -24.34 -14.68 -12.05
CA CYS B 480 -25.05 -13.67 -11.28
C CYS B 480 -26.51 -13.69 -11.70
N ILE B 481 -27.35 -13.14 -10.83
CA ILE B 481 -28.76 -12.91 -11.14
C ILE B 481 -28.91 -11.47 -11.60
N PRO B 482 -28.96 -11.21 -12.90
CA PRO B 482 -28.87 -9.83 -13.39
C PRO B 482 -29.98 -8.95 -12.84
N PHE B 483 -29.59 -7.74 -12.41
CA PHE B 483 -30.57 -6.76 -11.98
C PHE B 483 -31.49 -6.36 -13.12
N LYS B 484 -30.95 -6.25 -14.33
CA LYS B 484 -31.70 -5.91 -15.54
C LYS B 484 -31.53 -7.06 -16.53
N PRO B 485 -32.34 -8.11 -16.41
CA PRO B 485 -32.24 -9.24 -17.33
C PRO B 485 -32.68 -8.84 -18.73
N LEU B 486 -32.23 -9.63 -19.71
CA LEU B 486 -32.57 -9.37 -21.10
C LEU B 486 -34.07 -9.47 -21.33
N CYS B 487 -34.76 -10.34 -20.60
CA CYS B 487 -36.20 -10.51 -20.74
C CYS B 487 -36.83 -10.59 -19.36
N GLU B 488 -38.04 -10.05 -19.25
CA GLU B 488 -38.79 -10.19 -18.01
C GLU B 488 -39.27 -11.63 -17.86
N LEU B 489 -39.19 -12.14 -16.63
CA LEU B 489 -39.58 -13.51 -16.38
C LEU B 489 -41.09 -13.69 -16.59
N GLN B 490 -41.46 -14.67 -17.40
CA GLN B 490 -42.87 -14.89 -17.70
C GLN B 490 -43.60 -15.40 -16.46
N PRO B 491 -44.82 -14.93 -16.21
CA PRO B 491 -45.58 -15.45 -15.08
C PRO B 491 -45.94 -16.92 -15.27
N GLY B 492 -45.79 -17.68 -14.19
CA GLY B 492 -46.05 -19.11 -14.23
C GLY B 492 -44.97 -19.94 -14.87
N ALA B 493 -43.85 -19.34 -15.25
CA ALA B 493 -42.77 -20.08 -15.89
C ALA B 493 -41.98 -20.86 -14.85
N LYS B 494 -41.74 -22.14 -15.11
CA LYS B 494 -40.98 -22.99 -14.22
C LYS B 494 -39.50 -22.96 -14.57
N CYS B 495 -38.68 -23.35 -13.61
CA CYS B 495 -37.24 -23.44 -13.83
C CYS B 495 -36.94 -24.58 -14.80
N VAL B 496 -35.70 -24.60 -15.31
CA VAL B 496 -35.26 -25.67 -16.20
C VAL B 496 -35.22 -27.01 -15.50
N CYS B 497 -35.29 -27.03 -14.17
CA CYS B 497 -35.42 -28.30 -13.45
C CYS B 497 -36.84 -28.86 -13.60
N GLY B 498 -37.82 -27.99 -13.83
CA GLY B 498 -39.21 -28.41 -13.94
C GLY B 498 -39.89 -28.72 -12.62
N LYS B 499 -39.12 -28.92 -11.54
CA LYS B 499 -39.71 -29.27 -10.26
C LYS B 499 -40.25 -28.05 -9.53
N ASN B 500 -39.53 -26.94 -9.59
CA ASN B 500 -39.89 -25.74 -8.86
C ASN B 500 -40.10 -24.56 -9.81
N PRO B 501 -40.92 -23.59 -9.44
CA PRO B 501 -41.11 -22.41 -10.30
C PRO B 501 -39.85 -21.56 -10.35
N ALA B 502 -39.72 -20.82 -11.45
CA ALA B 502 -38.59 -19.94 -11.64
C ALA B 502 -38.83 -18.61 -10.91
N LYS B 503 -37.81 -18.14 -10.19
CA LYS B 503 -37.91 -16.89 -9.45
C LYS B 503 -37.28 -15.71 -10.19
N TYR B 504 -36.36 -15.96 -11.12
CA TYR B 504 -35.64 -14.90 -11.79
C TYR B 504 -34.86 -15.52 -12.95
N TYR B 505 -34.42 -14.65 -13.87
CA TYR B 505 -33.46 -15.05 -14.88
C TYR B 505 -32.06 -15.00 -14.29
N THR B 506 -31.31 -16.08 -14.44
CA THR B 506 -29.97 -16.20 -13.86
C THR B 506 -28.95 -16.43 -14.96
N LEU B 507 -27.82 -15.74 -14.85
CA LEU B 507 -26.74 -15.86 -15.82
C LEU B 507 -25.88 -17.06 -15.47
N PHE B 508 -25.72 -17.99 -16.42
CA PHE B 508 -24.95 -19.20 -16.22
C PHE B 508 -23.84 -19.30 -17.26
N GLY B 509 -22.76 -19.97 -16.87
CA GLY B 509 -21.64 -20.16 -17.78
C GLY B 509 -20.45 -20.72 -17.03
N ARG B 510 -19.42 -21.04 -17.81
CA ARG B 510 -18.17 -21.51 -17.22
C ARG B 510 -17.35 -20.32 -16.74
N SER B 511 -16.69 -20.49 -15.60
CA SER B 511 -16.02 -19.38 -14.95
C SER B 511 -14.71 -19.84 -14.33
N TYR B 512 -13.84 -18.87 -14.05
CA TYR B 512 -12.56 -19.13 -13.41
C TYR B 512 -12.75 -19.38 -11.91
#